data_9VFS
#
_entry.id   9VFS
#
loop_
_entity.id
_entity.type
_entity.pdbx_description
1 polymer 'Genome polyprotein'
2 polymer 'Genome polyprotein'
3 polymer 'Genome polyprotein'
#
loop_
_entity_poly.entity_id
_entity_poly.type
_entity_poly.pdbx_seq_one_letter_code
_entity_poly.pdbx_strand_id
1 'polypeptide(L)'
;NDPITNAVESAVSALADTTISRVTAANTAASTHSLGTGRVPALQAAETGASSNSSDENLIETRCVMNRNGVNEASVEHFY
SRAGLVGVVEVKDSGTSLDGYTVWPIDVMGFVQQRRKLELSTYMRFDAEFTFVSNLNNSTTPGMLLQYMYVPPGAPKPDS
RKSYQWQTATNPSVFAKLSDPPPQVSVPFMSPATAYQWFYDGYPTFGEHKQATNLQYGQCPNNMMGHFAIRTVSESTTGK
NIHVRVYMRIKHVRAWVPRPLRSQAYMVKNYPTYSQTITNTATDRASITTTDYEGGVPASPQRTS
;
A
2 'polypeptide(L)'
;SPSVEACGYSDRVAQLTVGNSTITTQEAANIVLSYGEWPEYCPSTDATAVDKPTRPDVSVNRFYTLSTKSWKTESTGWYW
KFPDVLNDTGVFGQNAQFHYLYRSGFCMHVQCNASKFHQGALLVAAIPEFVIAASSPATKPNSQGLYPDFAHTNPGKDGQ
EFRDPYVLDAGIPLSQALIFPHQWINLRTNNCATIIMPYINALPFDSALNHSNFGLVVIPISPLKYCNGATTEVPITLTI
APLNSEFSGLRQAIKQ
;
B
3 'polypeptide(L)'
;GFPTELKPGTNQFLTTDDGTSPPILPGFEPTPLIHIPGEFTSLLDLCQVETILEVNNTTGTTGVSRLLIPVRAQNNVDQL
CASFQVDPGRNGPWQSTMVGQICRYYTQWSGSLKVTFMFTGSFMATGKMLIAYTPPGSAQPTTREAAMLGTHIVWDFGLQ
SSVTLVIPWISNTHFRAVKTGGVYDYYATGIVTIWYQTNFVVPPDTPTEANIIALGAAQKNFTLKLCKDTDEIQQTAEYQ
;
C
#
# COMPACT_ATOMS: atom_id res chain seq x y z
N ARG A 63 -16.05 -22.05 -20.73
CA ARG A 63 -15.97 -22.03 -19.27
C ARG A 63 -14.55 -21.73 -18.81
N CYS A 64 -13.60 -22.53 -19.29
CA CYS A 64 -12.20 -22.40 -18.90
C CYS A 64 -11.36 -21.93 -20.09
N VAL A 65 -10.39 -21.08 -19.79
CA VAL A 65 -9.45 -20.56 -20.78
C VAL A 65 -8.11 -21.23 -20.51
N MET A 66 -7.77 -22.23 -21.32
CA MET A 66 -6.53 -22.97 -21.13
C MET A 66 -5.32 -22.21 -21.65
N ASN A 67 -5.51 -21.10 -22.34
CA ASN A 67 -4.41 -20.30 -22.86
C ASN A 67 -4.08 -19.16 -21.90
N ARG A 68 -2.87 -18.63 -22.06
CA ARG A 68 -2.39 -17.53 -21.24
C ARG A 68 -2.67 -16.20 -21.93
N ASN A 69 -3.05 -15.20 -21.14
CA ASN A 69 -3.34 -13.89 -21.67
C ASN A 69 -2.04 -13.14 -21.92
N GLY A 70 -2.12 -11.84 -22.19
CA GLY A 70 -0.95 -11.03 -22.41
C GLY A 70 -0.38 -10.50 -21.11
N VAL A 71 0.95 -10.45 -21.05
CA VAL A 71 1.63 -9.91 -19.87
C VAL A 71 1.66 -8.39 -19.86
N ASN A 72 1.30 -7.76 -20.98
CA ASN A 72 1.42 -6.31 -21.07
C ASN A 72 0.22 -5.60 -20.46
N GLU A 73 -0.96 -6.23 -20.47
CA GLU A 73 -2.13 -5.60 -19.88
C GLU A 73 -2.02 -5.44 -18.38
N ALA A 74 -1.07 -6.12 -17.75
CA ALA A 74 -0.86 -6.03 -16.31
C ALA A 74 0.30 -5.12 -15.95
N SER A 75 0.96 -4.51 -16.93
CA SER A 75 2.05 -3.61 -16.64
C SER A 75 1.53 -2.36 -15.92
N VAL A 76 2.43 -1.74 -15.16
CA VAL A 76 2.06 -0.53 -14.43
C VAL A 76 1.68 0.58 -15.42
N GLU A 77 2.42 0.68 -16.53
CA GLU A 77 2.10 1.68 -17.54
C GLU A 77 0.68 1.50 -18.05
N HIS A 78 0.29 0.26 -18.31
CA HIS A 78 -1.06 0.03 -18.82
C HIS A 78 -2.10 0.13 -17.71
N PHE A 79 -1.73 -0.23 -16.49
CA PHE A 79 -2.67 -0.15 -15.38
C PHE A 79 -3.11 1.28 -15.09
N TYR A 80 -2.28 2.27 -15.43
CA TYR A 80 -2.58 3.66 -15.17
C TYR A 80 -2.86 4.46 -16.42
N SER A 81 -3.09 3.79 -17.55
CA SER A 81 -3.37 4.45 -18.81
C SER A 81 -4.83 4.87 -18.88
N ARG A 82 -5.32 5.18 -20.09
CA ARG A 82 -6.74 5.43 -20.28
C ARG A 82 -7.24 6.66 -19.53
N ALA A 83 -6.88 7.85 -20.01
CA ALA A 83 -7.31 9.13 -19.45
C ALA A 83 -8.72 9.07 -18.88
N GLY A 84 -8.88 9.51 -17.64
CA GLY A 84 -10.14 9.43 -16.96
C GLY A 84 -10.51 10.76 -16.32
N LEU A 85 -11.78 10.89 -15.99
CA LEU A 85 -12.29 12.12 -15.40
C LEU A 85 -11.67 12.32 -14.03
N VAL A 86 -10.97 13.45 -13.86
CA VAL A 86 -10.35 13.79 -12.59
C VAL A 86 -10.98 15.00 -11.93
N GLY A 87 -11.83 15.73 -12.63
CA GLY A 87 -12.48 16.89 -12.05
C GLY A 87 -13.58 17.42 -12.94
N VAL A 88 -14.69 17.85 -12.34
CA VAL A 88 -15.79 18.44 -13.07
C VAL A 88 -15.99 19.83 -12.47
N VAL A 89 -15.50 20.84 -13.16
CA VAL A 89 -15.64 22.22 -12.71
C VAL A 89 -16.69 22.90 -13.57
N GLU A 90 -17.33 23.90 -12.98
CA GLU A 90 -18.37 24.66 -13.66
C GLU A 90 -17.98 26.13 -13.63
N VAL A 91 -17.83 26.72 -14.81
CA VAL A 91 -17.57 28.15 -14.90
C VAL A 91 -18.90 28.87 -14.76
N LYS A 92 -19.29 29.18 -13.54
CA LYS A 92 -20.58 29.81 -13.31
C LYS A 92 -20.54 31.27 -13.72
N ASP A 93 -21.49 31.67 -14.54
CA ASP A 93 -21.57 33.06 -14.98
C ASP A 93 -23.01 33.54 -15.05
N SER A 94 -23.89 32.94 -14.26
CA SER A 94 -25.31 33.28 -14.29
C SER A 94 -25.89 33.13 -12.90
N GLY A 95 -27.09 33.70 -12.74
CA GLY A 95 -27.79 33.54 -11.47
C GLY A 95 -27.10 34.32 -10.36
N THR A 96 -26.92 33.67 -9.22
CA THR A 96 -26.35 34.32 -8.05
C THR A 96 -24.82 34.28 -8.03
N SER A 97 -24.20 33.63 -9.00
CA SER A 97 -22.75 33.50 -9.06
C SER A 97 -22.28 33.96 -10.43
N LEU A 98 -22.05 35.26 -10.57
CA LEU A 98 -21.53 35.82 -11.81
C LEU A 98 -20.01 35.84 -11.82
N ASP A 99 -19.41 34.68 -11.56
CA ASP A 99 -17.96 34.59 -11.45
C ASP A 99 -17.29 34.68 -12.81
N GLY A 100 -17.83 34.00 -13.80
CA GLY A 100 -17.20 33.97 -15.10
C GLY A 100 -15.88 33.24 -15.16
N TYR A 101 -15.49 32.59 -14.06
CA TYR A 101 -14.23 31.88 -14.02
C TYR A 101 -14.29 30.84 -12.91
N THR A 102 -13.34 29.91 -12.95
CA THR A 102 -13.18 28.94 -11.87
C THR A 102 -11.74 28.46 -11.87
N VAL A 103 -11.25 28.13 -10.69
CA VAL A 103 -9.89 27.65 -10.51
C VAL A 103 -9.96 26.24 -9.98
N TRP A 104 -9.42 25.30 -10.75
CA TRP A 104 -9.43 23.89 -10.35
C TRP A 104 -8.04 23.48 -9.93
N PRO A 105 -7.79 23.23 -8.64
CA PRO A 105 -6.50 22.67 -8.24
C PRO A 105 -6.35 21.26 -8.78
N ILE A 106 -5.25 21.03 -9.49
CA ILE A 106 -5.01 19.73 -10.12
C ILE A 106 -4.93 18.67 -9.04
N ASP A 107 -5.90 17.78 -9.02
CA ASP A 107 -6.00 16.74 -8.00
C ASP A 107 -6.16 15.40 -8.69
N VAL A 108 -5.12 14.57 -8.62
CA VAL A 108 -5.19 13.25 -9.22
C VAL A 108 -6.06 12.29 -8.42
N MET A 109 -6.46 12.67 -7.22
CA MET A 109 -7.18 11.79 -6.30
C MET A 109 -8.55 12.36 -5.96
N GLY A 110 -9.20 13.00 -6.92
CA GLY A 110 -10.50 13.56 -6.67
C GLY A 110 -11.58 12.51 -6.49
N PHE A 111 -11.43 11.37 -7.14
CA PHE A 111 -12.40 10.29 -7.07
C PHE A 111 -11.75 9.08 -6.40
N VAL A 112 -12.53 8.40 -5.56
CA VAL A 112 -11.96 7.35 -4.72
C VAL A 112 -11.46 6.19 -5.55
N GLN A 113 -12.01 5.98 -6.74
CA GLN A 113 -11.52 4.91 -7.61
C GLN A 113 -10.07 5.18 -8.01
N GLN A 114 -9.83 6.35 -8.57
CA GLN A 114 -8.47 6.70 -8.96
C GLN A 114 -7.56 6.84 -7.75
N ARG A 115 -8.09 7.32 -6.63
CA ARG A 115 -7.28 7.42 -5.42
C ARG A 115 -6.81 6.04 -4.98
N ARG A 116 -7.71 5.06 -4.97
CA ARG A 116 -7.34 3.71 -4.58
C ARG A 116 -6.36 3.10 -5.58
N LYS A 117 -6.55 3.38 -6.87
CA LYS A 117 -5.61 2.85 -7.86
C LYS A 117 -4.23 3.45 -7.69
N LEU A 118 -4.16 4.74 -7.38
CA LEU A 118 -2.85 5.39 -7.24
C LEU A 118 -2.17 4.96 -5.95
N GLU A 119 -2.93 4.82 -4.86
CA GLU A 119 -2.35 4.42 -3.60
C GLU A 119 -1.89 2.97 -3.59
N LEU A 120 -2.04 2.25 -4.68
CA LEU A 120 -1.39 0.95 -4.80
C LEU A 120 0.12 1.10 -4.71
N SER A 121 0.64 2.24 -5.13
CA SER A 121 2.06 2.53 -5.08
C SER A 121 2.33 3.66 -4.10
N THR A 122 3.55 3.68 -3.58
CA THR A 122 3.97 4.73 -2.67
C THR A 122 4.44 5.96 -3.43
N TYR A 123 5.39 5.77 -4.34
CA TYR A 123 5.93 6.85 -5.15
C TYR A 123 5.54 6.62 -6.60
N MET A 124 5.14 7.70 -7.27
CA MET A 124 4.83 7.64 -8.69
C MET A 124 5.39 8.87 -9.38
N ARG A 125 5.96 8.65 -10.56
CA ARG A 125 6.48 9.73 -11.39
C ARG A 125 5.86 9.59 -12.76
N PHE A 126 5.28 10.68 -13.26
CA PHE A 126 4.58 10.60 -14.54
C PHE A 126 4.35 12.00 -15.09
N ASP A 127 4.26 12.07 -16.40
CA ASP A 127 3.72 13.23 -17.07
C ASP A 127 2.23 13.02 -17.30
N ALA A 128 1.48 14.11 -17.34
CA ALA A 128 0.04 14.06 -17.42
C ALA A 128 -0.45 14.82 -18.63
N GLU A 129 -1.36 14.22 -19.39
CA GLU A 129 -2.00 14.86 -20.52
C GLU A 129 -3.42 15.22 -20.12
N PHE A 130 -3.73 16.51 -20.10
CA PHE A 130 -5.04 16.99 -19.68
C PHE A 130 -5.88 17.33 -20.89
N THR A 131 -7.14 16.92 -20.87
CA THR A 131 -8.08 17.23 -21.93
C THR A 131 -9.32 17.85 -21.29
N PHE A 132 -9.81 18.92 -21.87
CA PHE A 132 -10.92 19.69 -21.30
C PHE A 132 -12.13 19.53 -22.20
N VAL A 133 -13.13 18.80 -21.73
CA VAL A 133 -14.38 18.62 -22.44
C VAL A 133 -15.37 19.61 -21.86
N SER A 134 -15.55 20.73 -22.55
CA SER A 134 -16.37 21.82 -22.06
C SER A 134 -17.62 21.96 -22.91
N ASN A 135 -18.73 22.35 -22.27
CA ASN A 135 -19.99 22.56 -22.95
C ASN A 135 -20.93 23.28 -22.01
N LEU A 136 -22.07 23.70 -22.54
CA LEU A 136 -23.09 24.35 -21.73
C LEU A 136 -23.93 23.30 -21.02
N ASN A 137 -24.94 23.76 -20.28
CA ASN A 137 -25.79 22.83 -19.54
C ASN A 137 -26.64 21.99 -20.48
N ASN A 138 -27.07 22.54 -21.60
CA ASN A 138 -27.84 21.79 -22.58
C ASN A 138 -26.96 21.04 -23.57
N SER A 139 -25.69 20.82 -23.21
CA SER A 139 -24.68 20.08 -23.98
C SER A 139 -24.26 20.81 -25.24
N THR A 140 -24.84 21.96 -25.56
CA THR A 140 -24.44 22.68 -26.76
C THR A 140 -23.08 23.32 -26.57
N THR A 141 -22.37 23.51 -27.67
CA THR A 141 -21.02 24.07 -27.66
C THR A 141 -20.96 25.25 -28.62
N PRO A 142 -21.48 26.41 -28.22
CA PRO A 142 -21.41 27.58 -29.09
C PRO A 142 -19.99 28.10 -29.21
N GLY A 143 -19.80 29.16 -29.99
CA GLY A 143 -18.46 29.67 -30.22
C GLY A 143 -17.94 30.57 -29.14
N MET A 144 -18.20 30.23 -27.88
CA MET A 144 -17.69 31.01 -26.76
C MET A 144 -16.21 30.71 -26.57
N LEU A 145 -15.41 31.77 -26.49
CA LEU A 145 -13.96 31.61 -26.32
C LEU A 145 -13.62 31.43 -24.85
N LEU A 146 -12.93 30.35 -24.54
CA LEU A 146 -12.50 30.06 -23.18
C LEU A 146 -10.99 30.17 -23.08
N GLN A 147 -10.52 30.48 -21.87
CA GLN A 147 -9.09 30.55 -21.59
C GLN A 147 -8.79 29.55 -20.48
N TYR A 148 -8.07 28.49 -20.82
CA TYR A 148 -7.63 27.49 -19.85
C TYR A 148 -6.21 27.85 -19.47
N MET A 149 -6.04 28.53 -18.35
CA MET A 149 -4.72 28.95 -17.90
C MET A 149 -4.20 27.95 -16.88
N TYR A 150 -3.04 27.39 -17.17
CA TYR A 150 -2.36 26.50 -16.23
C TYR A 150 -1.53 27.35 -15.27
N VAL A 151 -1.90 27.34 -14.00
CA VAL A 151 -1.17 28.09 -13.00
C VAL A 151 -0.17 27.16 -12.33
N PRO A 152 1.11 27.26 -12.67
CA PRO A 152 2.09 26.31 -12.15
C PRO A 152 2.20 26.41 -10.64
N PRO A 153 2.80 25.41 -9.99
CA PRO A 153 2.95 25.48 -8.53
C PRO A 153 3.78 26.69 -8.14
N GLY A 154 3.32 27.39 -7.11
CA GLY A 154 4.00 28.58 -6.63
C GLY A 154 3.56 29.86 -7.31
N ALA A 155 2.72 29.80 -8.27
CA ALA A 155 2.23 31.01 -8.90
C ALA A 155 0.88 31.39 -8.32
N PRO A 156 0.57 32.68 -8.22
CA PRO A 156 -0.72 33.09 -7.68
C PRO A 156 -1.85 32.82 -8.68
N LYS A 157 -2.98 32.41 -8.16
CA LYS A 157 -4.14 32.11 -8.97
C LYS A 157 -5.00 33.36 -9.16
N PRO A 158 -5.83 33.40 -10.20
CA PRO A 158 -6.74 34.52 -10.35
C PRO A 158 -7.79 34.53 -9.24
N ASP A 159 -8.33 35.72 -9.01
CA ASP A 159 -9.39 35.88 -8.03
C ASP A 159 -10.60 36.60 -8.60
N SER A 160 -10.59 36.92 -9.89
CA SER A 160 -11.70 37.59 -10.53
C SER A 160 -11.70 37.23 -12.00
N ARG A 161 -12.79 37.59 -12.67
CA ARG A 161 -12.90 37.32 -14.10
C ARG A 161 -11.83 38.08 -14.88
N LYS A 162 -11.55 39.31 -14.47
CA LYS A 162 -10.61 40.18 -15.17
C LYS A 162 -9.39 40.47 -14.30
N SER A 163 -8.94 39.49 -13.54
CA SER A 163 -7.77 39.67 -12.70
C SER A 163 -6.52 39.81 -13.55
N TYR A 164 -5.52 40.49 -13.00
CA TYR A 164 -4.25 40.65 -13.70
C TYR A 164 -3.52 39.33 -13.90
N GLN A 165 -3.82 38.32 -13.08
CA GLN A 165 -3.12 37.05 -13.19
C GLN A 165 -3.45 36.33 -14.48
N TRP A 166 -4.53 36.72 -15.17
CA TRP A 166 -4.85 36.09 -16.46
C TRP A 166 -3.88 36.49 -17.55
N GLN A 167 -3.14 37.59 -17.37
CA GLN A 167 -2.20 38.06 -18.36
C GLN A 167 -0.78 37.60 -18.10
N THR A 168 -0.52 36.95 -16.96
CA THR A 168 0.83 36.50 -16.63
C THR A 168 1.34 35.54 -17.68
N ALA A 169 2.37 35.96 -18.41
CA ALA A 169 2.87 35.15 -19.53
C ALA A 169 3.48 33.85 -19.06
N THR A 170 3.99 33.81 -17.83
CA THR A 170 4.59 32.57 -17.33
C THR A 170 3.55 31.54 -16.94
N ASN A 171 2.26 31.90 -16.94
CA ASN A 171 1.19 30.93 -16.76
C ASN A 171 0.80 30.41 -18.14
N PRO A 172 1.16 29.18 -18.49
CA PRO A 172 0.79 28.66 -19.81
C PRO A 172 -0.72 28.64 -19.95
N SER A 173 -1.21 29.33 -20.98
CA SER A 173 -2.63 29.53 -21.18
C SER A 173 -3.04 28.98 -22.53
N VAL A 174 -4.21 28.36 -22.59
CA VAL A 174 -4.75 27.78 -23.81
C VAL A 174 -6.05 28.48 -24.12
N PHE A 175 -6.12 29.11 -25.29
CA PHE A 175 -7.33 29.77 -25.77
C PHE A 175 -8.01 28.83 -26.75
N ALA A 176 -9.25 28.45 -26.45
CA ALA A 176 -10.00 27.56 -27.31
C ALA A 176 -11.48 27.85 -27.15
N LYS A 177 -12.22 27.75 -28.25
CA LYS A 177 -13.65 27.95 -28.18
C LYS A 177 -14.34 26.65 -27.81
N LEU A 178 -15.57 26.77 -27.30
CA LEU A 178 -16.35 25.57 -27.00
C LEU A 178 -16.60 24.76 -28.25
N SER A 179 -16.70 25.41 -29.39
CA SER A 179 -16.94 24.71 -30.65
C SER A 179 -15.75 23.91 -31.12
N ASP A 180 -14.56 24.20 -30.61
CA ASP A 180 -13.36 23.49 -31.02
C ASP A 180 -13.32 22.10 -30.39
N PRO A 181 -12.50 21.21 -30.93
CA PRO A 181 -12.23 19.95 -30.23
C PRO A 181 -11.69 20.24 -28.85
N PRO A 182 -11.82 19.30 -27.92
CA PRO A 182 -11.37 19.53 -26.56
C PRO A 182 -9.89 19.90 -26.53
N PRO A 183 -9.54 21.04 -25.94
CA PRO A 183 -8.12 21.39 -25.83
C PRO A 183 -7.37 20.36 -25.00
N GLN A 184 -6.12 20.14 -25.36
CA GLN A 184 -5.34 19.05 -24.78
C GLN A 184 -3.90 19.49 -24.62
N VAL A 185 -3.37 19.36 -23.40
CA VAL A 185 -2.01 19.78 -23.10
C VAL A 185 -1.34 18.71 -22.24
N SER A 186 -0.01 18.73 -22.25
CA SER A 186 0.80 17.81 -21.47
C SER A 186 1.47 18.57 -20.34
N VAL A 187 1.16 18.19 -19.11
CA VAL A 187 1.84 18.76 -17.95
C VAL A 187 2.97 17.81 -17.56
N PRO A 188 4.20 18.28 -17.46
CA PRO A 188 5.31 17.38 -17.12
C PRO A 188 5.29 17.03 -15.64
N PHE A 189 6.32 16.31 -15.22
CA PHE A 189 6.46 15.94 -13.82
C PHE A 189 6.89 17.15 -13.02
N MET A 190 6.00 17.66 -12.18
CA MET A 190 6.16 18.96 -11.53
C MET A 190 6.64 18.86 -10.09
N SER A 191 7.26 17.81 -9.73
CA SER A 191 7.52 17.81 -8.30
C SER A 191 8.96 18.18 -8.01
N PRO A 192 9.23 18.83 -6.87
CA PRO A 192 10.62 19.06 -6.47
C PRO A 192 11.35 17.78 -6.13
N ALA A 193 10.63 16.77 -5.66
CA ALA A 193 11.20 15.46 -5.40
C ALA A 193 11.32 14.68 -6.69
N THR A 194 11.91 13.49 -6.62
CA THR A 194 12.06 12.69 -7.83
C THR A 194 10.80 11.90 -8.17
N ALA A 195 9.79 11.94 -7.32
CA ALA A 195 8.54 11.24 -7.57
C ALA A 195 7.47 11.80 -6.64
N TYR A 196 6.23 11.74 -7.10
CA TYR A 196 5.12 12.11 -6.22
C TYR A 196 5.01 11.09 -5.09
N GLN A 197 4.50 11.54 -3.96
CA GLN A 197 4.29 10.68 -2.80
C GLN A 197 2.82 10.67 -2.46
N TRP A 198 2.18 9.52 -2.62
CA TRP A 198 0.83 9.38 -2.12
C TRP A 198 0.78 9.08 -0.64
N PHE A 199 1.92 8.75 -0.04
CA PHE A 199 2.02 8.53 1.39
C PHE A 199 3.30 9.20 1.87
N TYR A 200 3.18 10.11 2.82
CA TYR A 200 4.30 10.86 3.36
C TYR A 200 4.22 10.79 4.87
N ASP A 201 4.88 9.80 5.46
CA ASP A 201 4.85 9.63 6.90
C ASP A 201 5.74 10.69 7.53
N GLY A 202 5.20 11.89 7.63
CA GLY A 202 5.98 12.97 8.21
C GLY A 202 5.19 14.26 8.25
N TYR A 203 5.89 15.32 8.64
CA TYR A 203 5.31 16.65 8.75
C TYR A 203 6.09 17.61 7.86
N PRO A 204 5.44 18.33 6.95
CA PRO A 204 6.17 19.28 6.11
C PRO A 204 6.71 20.47 6.88
N THR A 205 6.11 20.80 8.02
CA THR A 205 6.58 21.93 8.81
C THR A 205 7.94 21.60 9.44
N PHE A 206 8.47 22.57 10.16
CA PHE A 206 9.72 22.40 10.90
C PHE A 206 9.50 22.88 12.32
N GLY A 207 9.74 22.00 13.29
CA GLY A 207 9.51 22.26 14.68
C GLY A 207 8.76 21.10 15.31
N GLU A 208 8.38 21.26 16.58
CA GLU A 208 7.65 20.21 17.27
C GLU A 208 6.18 20.27 16.90
N HIS A 209 5.56 19.10 16.75
CA HIS A 209 4.23 18.97 16.15
C HIS A 209 3.15 18.52 17.14
N LYS A 210 3.15 19.08 18.35
CA LYS A 210 2.13 18.74 19.34
C LYS A 210 0.87 19.57 19.20
N GLN A 211 0.56 20.06 18.00
CA GLN A 211 -0.69 20.77 17.78
C GLN A 211 -1.87 19.88 18.14
N ALA A 212 -2.89 20.48 18.76
CA ALA A 212 -4.04 19.71 19.25
C ALA A 212 -4.69 18.92 18.11
N THR A 213 -5.23 19.63 17.12
CA THR A 213 -5.72 18.99 15.91
C THR A 213 -4.52 18.77 14.99
N ASN A 214 -4.01 17.54 14.98
CA ASN A 214 -2.75 17.28 14.31
C ASN A 214 -2.91 17.20 12.80
N LEU A 215 -3.47 18.23 12.20
CA LEU A 215 -3.44 18.34 10.76
C LEU A 215 -2.02 18.65 10.31
N GLN A 216 -1.82 18.71 9.00
CA GLN A 216 -0.53 18.81 8.33
C GLN A 216 0.26 17.52 8.44
N TYR A 217 -0.21 16.53 9.17
CA TYR A 217 0.48 15.25 9.20
C TYR A 217 0.17 14.48 7.92
N GLY A 218 1.21 13.91 7.32
CA GLY A 218 1.02 13.09 6.14
C GLY A 218 0.75 13.85 4.87
N GLN A 219 0.78 15.17 4.90
CA GLN A 219 0.45 15.98 3.73
C GLN A 219 1.74 16.39 3.04
N CYS A 220 2.08 15.68 1.98
CA CYS A 220 3.31 15.97 1.26
C CYS A 220 3.15 17.23 0.44
N PRO A 221 4.04 18.21 0.58
CA PRO A 221 3.91 19.44 -0.22
C PRO A 221 4.40 19.28 -1.64
N ASN A 222 5.18 18.25 -1.93
CA ASN A 222 5.77 18.07 -3.25
C ASN A 222 4.79 17.56 -4.28
N ASN A 223 3.58 17.18 -3.89
CA ASN A 223 2.61 16.66 -4.84
C ASN A 223 1.85 17.73 -5.58
N MET A 224 2.09 19.00 -5.27
CA MET A 224 1.37 20.08 -5.93
C MET A 224 1.73 20.13 -7.40
N MET A 225 0.72 19.99 -8.26
CA MET A 225 0.90 20.02 -9.70
C MET A 225 0.44 21.33 -10.32
N GLY A 226 -0.24 22.18 -9.58
CA GLY A 226 -0.71 23.46 -10.06
C GLY A 226 -2.21 23.52 -10.10
N HIS A 227 -2.71 24.57 -10.75
CA HIS A 227 -4.14 24.77 -10.92
C HIS A 227 -4.44 24.97 -12.39
N PHE A 228 -5.71 24.79 -12.73
CA PHE A 228 -6.21 25.11 -14.06
C PHE A 228 -7.31 26.15 -13.88
N ALA A 229 -6.96 27.41 -14.08
CA ALA A 229 -7.93 28.49 -14.02
C ALA A 229 -8.60 28.61 -15.38
N ILE A 230 -9.91 28.48 -15.41
CA ILE A 230 -10.69 28.53 -16.64
C ILE A 230 -11.65 29.69 -16.56
N ARG A 231 -11.77 30.44 -17.66
CA ARG A 231 -12.66 31.58 -17.71
C ARG A 231 -13.12 31.78 -19.14
N THR A 232 -14.27 32.44 -19.28
CA THR A 232 -14.63 32.99 -20.57
C THR A 232 -13.83 34.27 -20.79
N VAL A 233 -13.68 34.65 -22.06
CA VAL A 233 -12.88 35.81 -22.39
C VAL A 233 -13.85 36.97 -22.57
N SER A 234 -14.98 36.88 -21.89
CA SER A 234 -15.99 37.93 -21.99
C SER A 234 -15.55 39.17 -21.23
N GLU A 235 -16.23 40.28 -21.51
CA GLU A 235 -16.01 41.52 -20.79
C GLU A 235 -16.90 41.65 -19.57
N SER A 236 -18.11 41.09 -19.64
CA SER A 236 -19.04 41.09 -18.52
C SER A 236 -19.63 39.69 -18.40
N THR A 237 -20.64 39.54 -17.56
CA THR A 237 -21.27 38.25 -17.38
C THR A 237 -21.97 37.82 -18.67
N THR A 238 -21.81 36.54 -19.02
CA THR A 238 -22.47 35.99 -20.20
C THR A 238 -23.82 35.37 -19.90
N GLY A 239 -24.13 35.12 -18.64
CA GLY A 239 -25.37 34.48 -18.30
C GLY A 239 -25.44 33.01 -18.63
N LYS A 240 -24.32 32.39 -18.99
CA LYS A 240 -24.28 30.98 -19.35
C LYS A 240 -23.26 30.28 -18.48
N ASN A 241 -23.68 29.19 -17.85
CA ASN A 241 -22.76 28.36 -17.10
C ASN A 241 -22.11 27.34 -18.02
N ILE A 242 -20.81 27.14 -17.86
CA ILE A 242 -20.05 26.23 -18.70
C ILE A 242 -19.53 25.10 -17.81
N HIS A 243 -19.79 23.87 -18.21
CA HIS A 243 -19.32 22.70 -17.49
C HIS A 243 -18.08 22.17 -18.17
N VAL A 244 -16.98 22.12 -17.44
CA VAL A 244 -15.70 21.64 -17.96
C VAL A 244 -15.38 20.32 -17.28
N ARG A 245 -15.23 19.28 -18.07
CA ARG A 245 -14.81 17.97 -17.57
C ARG A 245 -13.33 17.81 -17.87
N VAL A 246 -12.51 17.73 -16.82
CA VAL A 246 -11.07 17.63 -16.97
C VAL A 246 -10.69 16.15 -16.99
N TYR A 247 -10.14 15.70 -18.09
CA TYR A 247 -9.66 14.33 -18.24
C TYR A 247 -8.15 14.34 -18.23
N MET A 248 -7.57 13.46 -17.42
CA MET A 248 -6.13 13.40 -17.25
C MET A 248 -5.62 12.01 -17.58
N ARG A 249 -4.58 11.95 -18.40
CA ARG A 249 -3.94 10.69 -18.79
C ARG A 249 -2.56 10.62 -18.16
N ILE A 250 -2.29 9.53 -17.46
CA ILE A 250 -0.97 9.30 -16.87
C ILE A 250 -0.06 8.72 -17.93
N LYS A 251 1.07 9.38 -18.18
CA LYS A 251 2.02 8.93 -19.18
C LYS A 251 3.38 8.69 -18.54
N HIS A 252 4.11 7.72 -19.08
CA HIS A 252 5.45 7.39 -18.63
C HIS A 252 5.48 7.14 -17.13
N VAL A 253 4.43 6.52 -16.62
CA VAL A 253 4.30 6.31 -15.18
C VAL A 253 5.33 5.29 -14.72
N ARG A 254 6.01 5.62 -13.63
CA ARG A 254 6.89 4.68 -12.94
C ARG A 254 6.48 4.68 -11.47
N ALA A 255 6.35 3.50 -10.89
CA ALA A 255 5.83 3.35 -9.54
C ALA A 255 6.82 2.61 -8.67
N TRP A 256 6.82 2.93 -7.39
CA TRP A 256 7.75 2.34 -6.44
C TRP A 256 7.00 1.90 -5.19
N VAL A 257 7.52 0.86 -4.55
CA VAL A 257 7.03 0.40 -3.25
C VAL A 257 5.53 0.12 -3.30
N PRO A 258 5.11 -1.00 -3.89
CA PRO A 258 3.69 -1.32 -3.90
C PRO A 258 3.14 -1.48 -2.49
N ARG A 259 1.86 -1.17 -2.34
CA ARG A 259 1.19 -1.17 -1.04
C ARG A 259 -0.09 -1.96 -1.13
N PRO A 260 -0.65 -2.35 0.01
CA PRO A 260 -1.98 -2.98 -0.01
C PRO A 260 -3.02 -2.00 -0.52
N LEU A 261 -3.94 -2.51 -1.33
CA LEU A 261 -5.02 -1.67 -1.81
C LEU A 261 -5.95 -1.33 -0.67
N ARG A 262 -6.37 -0.07 -0.61
CA ARG A 262 -7.21 0.42 0.47
C ARG A 262 -8.45 -0.43 0.62
N SER A 263 -8.68 -0.91 1.84
CA SER A 263 -9.82 -1.76 2.14
C SER A 263 -10.94 -1.01 2.83
N GLN A 264 -10.62 -0.06 3.70
CA GLN A 264 -11.65 0.70 4.39
C GLN A 264 -12.08 1.88 3.53
N ALA A 265 -13.36 2.24 3.65
CA ALA A 265 -13.90 3.34 2.88
C ALA A 265 -13.17 4.63 3.21
N TYR A 266 -12.92 5.44 2.20
CA TYR A 266 -12.29 6.74 2.41
C TYR A 266 -13.26 7.68 3.09
N MET A 267 -12.82 8.28 4.19
CA MET A 267 -13.68 9.21 4.91
C MET A 267 -13.49 10.64 4.42
N VAL A 268 -12.24 11.11 4.37
CA VAL A 268 -11.93 12.46 3.93
C VAL A 268 -10.82 12.38 2.89
N LYS A 269 -10.62 13.48 2.20
CA LYS A 269 -9.52 13.60 1.25
C LYS A 269 -8.26 14.01 1.98
N ASN A 270 -7.12 13.60 1.44
CA ASN A 270 -5.78 13.90 1.92
C ASN A 270 -5.41 13.16 3.19
N TYR A 271 -6.32 12.40 3.78
CA TYR A 271 -6.02 11.68 5.00
C TYR A 271 -6.52 10.25 4.90
N PRO A 272 -5.78 9.29 5.44
CA PRO A 272 -6.21 7.89 5.36
C PRO A 272 -7.21 7.52 6.43
N THR A 273 -7.82 8.52 7.05
CA THR A 273 -8.78 8.30 8.12
C THR A 273 -9.86 7.33 7.71
N TYR A 274 -10.15 6.37 8.57
CA TYR A 274 -11.20 5.39 8.34
C TYR A 274 -12.18 5.40 9.51
N SER A 275 -13.38 4.91 9.25
CA SER A 275 -14.41 4.92 10.28
C SER A 275 -14.07 3.95 11.41
N GLN A 276 -14.71 4.16 12.55
CA GLN A 276 -14.49 3.27 13.68
C GLN A 276 -15.09 1.89 13.46
N THR A 277 -16.08 1.78 12.58
CA THR A 277 -16.68 0.48 12.28
C THR A 277 -15.87 -0.15 11.15
N ILE A 278 -14.95 -1.02 11.53
CA ILE A 278 -14.10 -1.69 10.55
C ILE A 278 -14.94 -2.63 9.71
N THR A 279 -14.77 -2.55 8.40
CA THR A 279 -15.42 -3.46 7.47
C THR A 279 -14.45 -4.57 7.10
N ASN A 280 -14.91 -5.81 7.19
CA ASN A 280 -14.05 -6.94 6.88
C ASN A 280 -13.64 -6.90 5.41
N THR A 281 -12.40 -7.33 5.14
CA THR A 281 -11.92 -7.37 3.77
C THR A 281 -12.70 -8.38 2.93
N ALA A 282 -13.14 -9.47 3.54
CA ALA A 282 -13.82 -10.54 2.84
C ALA A 282 -15.28 -10.61 3.30
N THR A 283 -16.17 -10.91 2.36
CA THR A 283 -17.57 -11.11 2.70
C THR A 283 -17.72 -12.34 3.59
N ASP A 284 -18.77 -12.35 4.39
CA ASP A 284 -18.94 -13.39 5.39
C ASP A 284 -19.50 -14.67 4.78
N ARG A 285 -19.18 -15.78 5.42
CA ARG A 285 -19.74 -17.09 5.11
C ARG A 285 -20.61 -17.56 6.27
N ALA A 286 -21.36 -18.63 6.01
CA ALA A 286 -22.10 -19.26 7.09
C ALA A 286 -21.16 -19.95 8.06
N SER A 287 -20.27 -20.78 7.55
CA SER A 287 -19.27 -21.46 8.37
C SER A 287 -17.97 -21.52 7.59
N ILE A 288 -16.93 -21.99 8.25
CA ILE A 288 -15.60 -22.06 7.64
C ILE A 288 -15.54 -23.26 6.70
N THR A 289 -16.61 -24.05 6.66
CA THR A 289 -16.64 -25.26 5.85
C THR A 289 -17.65 -25.19 4.71
N THR A 290 -18.39 -24.10 4.58
CA THR A 290 -19.40 -23.97 3.53
C THR A 290 -18.80 -23.32 2.30
N THR A 291 -19.31 -23.70 1.14
CA THR A 291 -18.89 -23.10 -0.12
C THR A 291 -20.10 -22.72 -0.97
N VAL B 13 24.89 -20.76 16.12
CA VAL B 13 24.83 -19.57 16.96
C VAL B 13 26.20 -18.88 16.99
N ALA B 14 26.19 -17.56 16.88
CA ALA B 14 27.41 -16.78 16.83
C ALA B 14 27.19 -15.49 17.62
N GLN B 15 28.17 -14.59 17.57
CA GLN B 15 28.12 -13.32 18.29
C GLN B 15 28.59 -12.22 17.34
N LEU B 16 27.64 -11.50 16.74
CA LEU B 16 27.99 -10.37 15.90
C LEU B 16 28.41 -9.19 16.75
N THR B 17 29.62 -8.69 16.51
CA THR B 17 30.16 -7.54 17.22
C THR B 17 30.33 -6.39 16.23
N VAL B 18 29.55 -5.34 16.41
CA VAL B 18 29.65 -4.12 15.61
C VAL B 18 29.87 -2.97 16.56
N GLY B 19 31.05 -2.35 16.48
CA GLY B 19 31.38 -1.31 17.43
C GLY B 19 31.61 -1.92 18.80
N ASN B 20 31.02 -1.30 19.82
CA ASN B 20 31.08 -1.82 21.18
C ASN B 20 29.85 -2.62 21.55
N SER B 21 29.01 -2.96 20.58
CA SER B 21 27.77 -3.69 20.82
C SER B 21 27.92 -5.10 20.29
N THR B 22 27.46 -6.08 21.06
CA THR B 22 27.53 -7.48 20.70
C THR B 22 26.18 -8.12 20.97
N ILE B 23 25.63 -8.80 19.98
CA ILE B 23 24.36 -9.49 20.12
C ILE B 23 24.58 -10.98 19.89
N THR B 24 23.76 -11.79 20.55
CA THR B 24 23.80 -13.24 20.40
C THR B 24 22.73 -13.65 19.41
N THR B 25 23.14 -14.12 18.25
CA THR B 25 22.21 -14.55 17.21
C THR B 25 22.71 -15.83 16.56
N GLN B 26 21.79 -16.57 15.96
CA GLN B 26 22.12 -17.80 15.27
C GLN B 26 22.70 -17.49 13.89
N GLU B 27 23.40 -18.48 13.34
CA GLU B 27 24.08 -18.33 12.06
C GLU B 27 23.08 -18.54 10.92
N ALA B 28 23.62 -18.71 9.71
CA ALA B 28 22.88 -18.98 8.47
C ALA B 28 22.12 -17.75 7.98
N ALA B 29 22.07 -16.70 8.79
CA ALA B 29 21.67 -15.34 8.40
C ALA B 29 20.53 -15.34 7.39
N ASN B 30 19.39 -15.90 7.81
CA ASN B 30 18.20 -15.89 6.96
C ASN B 30 17.59 -14.50 7.03
N ILE B 31 18.16 -13.60 6.24
CA ILE B 31 17.85 -12.18 6.29
C ILE B 31 16.96 -11.82 5.11
N VAL B 32 15.98 -10.95 5.35
CA VAL B 32 15.12 -10.42 4.30
C VAL B 32 15.74 -9.12 3.81
N LEU B 33 16.08 -9.08 2.53
CA LEU B 33 16.62 -7.87 1.91
C LEU B 33 15.48 -7.15 1.23
N SER B 34 15.13 -5.97 1.75
CA SER B 34 13.99 -5.23 1.23
C SER B 34 14.20 -4.84 -0.23
N TYR B 35 13.35 -5.38 -1.09
CA TYR B 35 13.38 -5.06 -2.52
C TYR B 35 14.71 -5.42 -3.16
N GLY B 36 15.41 -6.41 -2.59
CA GLY B 36 16.68 -6.84 -3.14
C GLY B 36 17.71 -5.74 -3.26
N GLU B 37 17.63 -4.74 -2.40
CA GLU B 37 18.51 -3.57 -2.48
C GLU B 37 19.30 -3.47 -1.18
N TRP B 38 20.61 -3.43 -1.30
CA TRP B 38 21.43 -3.22 -0.12
C TRP B 38 21.53 -1.73 0.18
N PRO B 39 21.56 -1.36 1.46
CA PRO B 39 21.77 0.05 1.82
C PRO B 39 23.14 0.50 1.35
N GLU B 40 23.16 1.55 0.56
CA GLU B 40 24.40 2.09 0.01
C GLU B 40 24.49 3.57 0.28
N TYR B 41 25.71 4.08 0.32
CA TYR B 41 25.93 5.51 0.41
C TYR B 41 25.47 6.19 -0.87
N CYS B 42 24.82 7.33 -0.73
CA CYS B 42 24.32 8.04 -1.90
C CYS B 42 25.51 8.55 -2.72
N PRO B 43 25.51 8.33 -4.04
CA PRO B 43 26.57 8.90 -4.86
C PRO B 43 26.54 10.42 -4.77
N SER B 44 27.73 11.02 -4.72
CA SER B 44 27.85 12.45 -4.44
C SER B 44 27.04 13.29 -5.42
N THR B 45 26.00 13.95 -4.91
CA THR B 45 25.17 14.82 -5.72
C THR B 45 25.78 16.21 -5.75
N ASP B 46 25.07 17.17 -6.32
CA ASP B 46 25.56 18.55 -6.35
C ASP B 46 25.49 19.19 -4.98
N ALA B 47 24.43 18.92 -4.23
CA ALA B 47 24.34 19.45 -2.87
C ALA B 47 25.37 18.81 -1.95
N THR B 48 25.77 17.58 -2.23
CA THR B 48 26.76 16.89 -1.42
C THR B 48 28.18 17.05 -1.95
N ALA B 49 28.34 17.51 -3.19
CA ALA B 49 29.68 17.73 -3.73
C ALA B 49 30.40 18.88 -3.02
N VAL B 50 29.67 19.69 -2.26
CA VAL B 50 30.25 20.84 -1.60
C VAL B 50 30.43 20.66 -0.11
N ASP B 51 29.56 19.89 0.57
CA ASP B 51 29.69 19.73 2.01
C ASP B 51 30.25 18.37 2.42
N LYS B 52 30.22 17.37 1.52
CA LYS B 52 30.71 16.02 1.82
C LYS B 52 30.05 15.49 3.08
N PRO B 53 28.80 15.02 2.98
CA PRO B 53 28.05 14.63 4.19
C PRO B 53 28.81 13.66 5.07
N THR B 54 28.51 13.74 6.36
CA THR B 54 29.20 12.93 7.38
C THR B 54 28.75 11.48 7.28
N ARG B 55 29.70 10.58 7.08
CA ARG B 55 29.44 9.14 7.07
C ARG B 55 30.01 8.54 8.34
N PRO B 56 29.24 8.45 9.42
CA PRO B 56 29.78 7.97 10.68
C PRO B 56 30.12 6.49 10.63
N ASP B 57 31.04 6.10 11.50
CA ASP B 57 31.56 4.74 11.55
C ASP B 57 30.73 3.90 12.52
N VAL B 58 31.27 2.74 12.91
CA VAL B 58 30.62 1.85 13.85
C VAL B 58 30.28 2.51 15.18
N SER B 59 30.82 3.70 15.43
CA SER B 59 30.38 4.46 16.61
C SER B 59 28.90 4.74 16.55
N VAL B 60 28.40 5.14 15.38
CA VAL B 60 26.96 5.37 15.20
C VAL B 60 26.28 4.14 14.63
N ASN B 61 26.87 3.53 13.62
CA ASN B 61 26.30 2.34 12.98
C ASN B 61 26.61 1.09 13.81
N ARG B 62 26.06 1.08 15.03
CA ARG B 62 26.19 -0.02 15.96
C ARG B 62 24.82 -0.66 16.18
N PHE B 63 24.76 -1.62 17.09
CA PHE B 63 23.51 -2.29 17.41
C PHE B 63 22.81 -1.55 18.54
N TYR B 64 21.59 -1.10 18.28
CA TYR B 64 20.76 -0.46 19.29
C TYR B 64 19.66 -1.45 19.66
N THR B 65 19.67 -1.89 20.91
CA THR B 65 18.69 -2.84 21.41
C THR B 65 17.67 -2.07 22.23
N LEU B 66 16.46 -1.94 21.70
CA LEU B 66 15.42 -1.19 22.38
C LEU B 66 14.88 -1.99 23.56
N SER B 67 14.01 -1.34 24.34
CA SER B 67 13.29 -2.05 25.39
C SER B 67 12.43 -3.14 24.76
N THR B 68 12.37 -4.28 25.44
CA THR B 68 11.65 -5.42 24.91
C THR B 68 10.16 -5.27 25.19
N LYS B 69 9.35 -5.46 24.15
CA LYS B 69 7.91 -5.48 24.33
C LYS B 69 7.48 -6.85 24.81
N SER B 70 6.43 -6.88 25.63
CA SER B 70 5.94 -8.12 26.22
C SER B 70 4.74 -8.58 25.39
N TRP B 71 4.96 -9.57 24.54
CA TRP B 71 3.89 -10.15 23.75
C TRP B 71 2.98 -10.97 24.66
N LYS B 72 1.74 -10.55 24.78
CA LYS B 72 0.76 -11.24 25.61
C LYS B 72 -0.34 -11.80 24.71
N THR B 73 -1.27 -12.53 25.34
CA THR B 73 -2.33 -13.16 24.58
C THR B 73 -3.20 -12.15 23.86
N GLU B 74 -3.40 -10.97 24.45
CA GLU B 74 -4.28 -9.96 23.89
C GLU B 74 -3.52 -8.82 23.23
N SER B 75 -2.23 -8.99 22.98
CA SER B 75 -1.47 -7.94 22.32
C SER B 75 -1.91 -7.80 20.88
N THR B 76 -2.13 -6.56 20.45
CA THR B 76 -2.54 -6.30 19.08
C THR B 76 -1.34 -6.11 18.14
N GLY B 77 -0.18 -5.79 18.68
CA GLY B 77 1.00 -5.54 17.87
C GLY B 77 1.64 -4.22 18.24
N TRP B 78 2.78 -3.98 17.60
CA TRP B 78 3.54 -2.76 17.82
C TRP B 78 4.08 -2.26 16.50
N TYR B 79 4.44 -0.98 16.46
CA TYR B 79 5.12 -0.43 15.30
C TYR B 79 6.07 0.67 15.76
N TRP B 80 7.15 0.83 14.99
CA TRP B 80 8.16 1.84 15.25
C TRP B 80 8.44 2.58 13.94
N LYS B 81 8.33 3.91 13.97
CA LYS B 81 8.77 4.71 12.85
C LYS B 81 10.28 4.89 12.95
N PHE B 82 11.00 4.48 11.93
CA PHE B 82 12.40 4.18 12.21
C PHE B 82 13.36 5.37 12.26
N PRO B 83 13.30 6.34 11.37
CA PRO B 83 14.11 7.54 11.61
C PRO B 83 13.80 8.15 12.95
N ASP B 84 12.58 7.93 13.45
CA ASP B 84 12.15 8.47 14.73
C ASP B 84 12.50 7.56 15.90
N VAL B 85 12.56 6.25 15.68
CA VAL B 85 12.76 5.33 16.78
C VAL B 85 14.14 5.51 17.42
N LEU B 86 15.08 6.12 16.70
CA LEU B 86 16.42 6.35 17.24
C LEU B 86 16.76 7.83 17.31
N ASN B 87 15.79 8.72 17.24
CA ASN B 87 16.08 10.14 17.27
C ASN B 87 16.57 10.61 18.64
N ASP B 88 16.19 9.93 19.71
CA ASP B 88 16.61 10.27 21.05
C ASP B 88 17.39 9.13 21.68
N THR B 89 18.29 8.52 20.89
CA THR B 89 19.01 7.34 21.35
C THR B 89 20.46 7.44 20.91
N GLY B 90 21.34 7.73 21.87
CA GLY B 90 22.77 7.64 21.66
C GLY B 90 23.27 8.59 20.59
N VAL B 91 24.42 8.21 20.03
CA VAL B 91 25.11 9.09 19.09
C VAL B 91 24.35 9.19 17.78
N PHE B 92 23.60 8.15 17.40
CA PHE B 92 22.71 8.28 16.26
C PHE B 92 21.64 9.34 16.54
N GLY B 93 21.08 9.33 17.74
CA GLY B 93 20.14 10.37 18.10
C GLY B 93 20.77 11.74 18.05
N GLN B 94 22.02 11.85 18.49
CA GLN B 94 22.72 13.12 18.42
C GLN B 94 22.89 13.59 16.98
N ASN B 95 23.32 12.69 16.10
CA ASN B 95 23.51 13.06 14.71
C ASN B 95 22.21 13.42 14.04
N ALA B 96 21.11 12.77 14.42
CA ALA B 96 19.82 13.07 13.81
C ALA B 96 19.27 14.39 14.32
N GLN B 97 19.42 14.66 15.61
CA GLN B 97 18.87 15.88 16.19
C GLN B 97 19.62 17.12 15.71
N PHE B 98 20.89 16.97 15.32
CA PHE B 98 21.75 18.11 15.05
C PHE B 98 22.31 18.08 13.64
N HIS B 99 21.55 17.54 12.70
CA HIS B 99 21.89 17.64 11.29
C HIS B 99 20.63 18.02 10.52
N TYR B 100 20.81 18.82 9.47
CA TYR B 100 19.67 19.23 8.68
C TYR B 100 19.16 18.08 7.82
N LEU B 101 20.07 17.40 7.13
CA LEU B 101 19.73 16.33 6.22
C LEU B 101 20.24 15.00 6.76
N TYR B 102 19.50 13.94 6.45
CA TYR B 102 19.79 12.62 6.97
C TYR B 102 19.43 11.58 5.93
N ARG B 103 20.16 10.47 5.94
CA ARG B 103 19.91 9.38 5.01
C ARG B 103 20.57 8.13 5.56
N SER B 104 19.82 7.03 5.65
CA SER B 104 20.38 5.82 6.23
C SER B 104 19.50 4.63 5.89
N GLY B 105 20.13 3.47 5.78
CA GLY B 105 19.45 2.20 5.80
C GLY B 105 19.48 1.61 7.19
N PHE B 106 18.75 0.51 7.37
CA PHE B 106 18.65 -0.10 8.68
C PHE B 106 18.62 -1.62 8.57
N CYS B 107 19.31 -2.28 9.49
CA CYS B 107 19.16 -3.70 9.72
C CYS B 107 18.35 -3.88 11.00
N MET B 108 17.20 -4.51 10.89
CA MET B 108 16.29 -4.67 12.01
C MET B 108 16.19 -6.15 12.34
N HIS B 109 16.47 -6.49 13.59
CA HIS B 109 16.47 -7.87 14.06
C HIS B 109 15.44 -7.98 15.18
N VAL B 110 14.31 -8.61 14.88
CA VAL B 110 13.26 -8.84 15.87
C VAL B 110 13.43 -10.26 16.40
N GLN B 111 13.56 -10.39 17.71
CA GLN B 111 13.80 -11.67 18.34
C GLN B 111 12.76 -11.92 19.41
N CYS B 112 12.26 -13.14 19.46
CA CYS B 112 11.34 -13.57 20.51
C CYS B 112 12.02 -14.61 21.38
N ASN B 113 11.73 -14.59 22.66
CA ASN B 113 12.26 -15.58 23.59
C ASN B 113 11.07 -16.37 24.13
N ALA B 114 10.71 -17.43 23.41
CA ALA B 114 9.58 -18.25 23.77
C ALA B 114 10.02 -19.70 23.92
N SER B 115 9.38 -20.40 24.84
CA SER B 115 9.64 -21.82 25.04
C SER B 115 9.03 -22.62 23.89
N LYS B 116 9.33 -23.91 23.86
CA LYS B 116 8.68 -24.78 22.89
C LYS B 116 7.23 -25.07 23.26
N PHE B 117 6.78 -24.59 24.41
CA PHE B 117 5.40 -24.76 24.84
C PHE B 117 4.56 -23.52 24.62
N HIS B 118 5.17 -22.43 24.16
CA HIS B 118 4.43 -21.27 23.69
C HIS B 118 4.13 -21.45 22.21
N GLN B 119 3.08 -20.78 21.75
CA GLN B 119 2.71 -20.82 20.35
C GLN B 119 2.19 -19.47 19.93
N GLY B 120 2.26 -19.22 18.64
CA GLY B 120 1.85 -17.94 18.08
C GLY B 120 2.69 -17.61 16.86
N ALA B 121 2.23 -16.64 16.10
CA ALA B 121 2.91 -16.22 14.89
C ALA B 121 2.90 -14.70 14.79
N LEU B 122 4.05 -14.12 14.52
CA LEU B 122 4.19 -12.69 14.32
C LEU B 122 4.46 -12.40 12.87
N LEU B 123 3.87 -11.33 12.37
CA LEU B 123 4.21 -10.79 11.06
C LEU B 123 5.09 -9.57 11.28
N VAL B 124 6.36 -9.68 10.93
CA VAL B 124 7.29 -8.58 11.04
C VAL B 124 7.46 -8.00 9.64
N ALA B 125 6.92 -6.80 9.43
CA ALA B 125 6.99 -6.15 8.13
C ALA B 125 7.53 -4.74 8.28
N ALA B 126 8.29 -4.31 7.29
CA ALA B 126 8.81 -2.95 7.21
C ALA B 126 8.02 -2.21 6.16
N ILE B 127 7.27 -1.20 6.57
CA ILE B 127 6.31 -0.52 5.72
C ILE B 127 6.87 0.85 5.38
N PRO B 128 7.31 1.08 4.15
CA PRO B 128 7.77 2.42 3.77
C PRO B 128 6.64 3.42 3.74
N GLU B 129 6.89 4.60 4.28
CA GLU B 129 5.91 5.66 4.41
C GLU B 129 4.65 5.14 5.11
N PHE B 130 4.87 4.59 6.30
CA PHE B 130 3.78 4.01 7.09
C PHE B 130 2.98 5.16 7.69
N VAL B 131 2.09 5.73 6.87
CA VAL B 131 1.26 6.83 7.33
C VAL B 131 0.17 6.29 8.23
N ILE B 132 0.18 6.70 9.49
CA ILE B 132 -0.80 6.23 10.45
C ILE B 132 -2.11 6.98 10.24
N ALA B 133 -3.21 6.26 10.29
CA ALA B 133 -4.53 6.84 10.11
C ALA B 133 -5.24 6.94 11.46
N ALA B 134 -6.08 7.95 11.59
CA ALA B 134 -6.96 8.04 12.74
C ALA B 134 -8.26 7.33 12.45
N SER B 135 -8.89 6.82 13.50
CA SER B 135 -10.16 6.09 13.37
C SER B 135 -11.23 6.95 14.04
N SER B 136 -12.02 7.63 13.23
CA SER B 136 -13.00 8.52 13.83
C SER B 136 -14.36 7.85 13.91
N PRO B 137 -15.14 8.13 14.96
CA PRO B 137 -16.48 7.53 15.05
C PRO B 137 -17.42 8.03 13.98
N ALA B 138 -17.27 9.29 13.56
CA ALA B 138 -18.07 9.84 12.48
C ALA B 138 -17.29 10.96 11.82
N THR B 139 -17.69 11.32 10.62
CA THR B 139 -17.00 12.36 9.86
C THR B 139 -17.37 13.72 10.43
N LYS B 140 -16.51 14.24 11.29
CA LYS B 140 -16.69 15.58 11.81
C LYS B 140 -15.80 16.56 11.05
N PRO B 141 -16.22 17.81 10.88
CA PRO B 141 -15.47 18.72 9.99
C PRO B 141 -14.13 19.14 10.56
N ASN B 142 -13.06 18.54 10.04
CA ASN B 142 -11.69 18.92 10.38
C ASN B 142 -11.49 19.03 11.89
N SER B 143 -11.85 17.96 12.60
CA SER B 143 -11.74 17.89 14.04
C SER B 143 -10.45 17.18 14.43
N GLN B 144 -10.17 17.17 15.74
CA GLN B 144 -8.97 16.49 16.23
C GLN B 144 -9.05 14.99 15.99
N GLY B 145 -10.26 14.44 15.97
CA GLY B 145 -10.43 13.01 15.79
C GLY B 145 -10.17 12.53 14.38
N LEU B 146 -9.79 13.44 13.50
CA LEU B 146 -9.50 13.10 12.11
C LEU B 146 -8.03 12.81 11.86
N TYR B 147 -7.15 13.13 12.80
CA TYR B 147 -5.72 12.99 12.61
C TYR B 147 -5.10 12.38 13.84
N PRO B 148 -4.10 11.51 13.67
CA PRO B 148 -3.44 10.93 14.83
C PRO B 148 -2.56 11.93 15.53
N ASP B 149 -2.52 11.86 16.84
CA ASP B 149 -1.63 12.73 17.60
C ASP B 149 -0.18 12.34 17.33
N PHE B 150 0.73 13.23 17.70
CA PHE B 150 2.14 12.97 17.47
C PHE B 150 2.61 11.72 18.21
N ALA B 151 1.96 11.38 19.32
CA ALA B 151 2.32 10.18 20.04
C ALA B 151 2.09 8.92 19.20
N HIS B 152 1.16 8.97 18.27
CA HIS B 152 0.88 7.82 17.41
C HIS B 152 1.67 7.86 16.12
N THR B 153 1.88 9.04 15.55
CA THR B 153 2.61 9.12 14.30
C THR B 153 4.11 8.93 14.51
N ASN B 154 4.63 9.35 15.65
CA ASN B 154 6.04 9.18 15.98
C ASN B 154 6.12 8.64 17.40
N PRO B 155 5.95 7.34 17.58
CA PRO B 155 5.90 6.77 18.93
C PRO B 155 7.23 6.76 19.65
N GLY B 156 8.32 7.10 18.98
CA GLY B 156 9.61 7.13 19.65
C GLY B 156 10.23 5.75 19.73
N LYS B 157 11.09 5.56 20.74
CA LYS B 157 11.78 4.30 20.91
C LYS B 157 10.94 3.25 21.62
N ASP B 158 9.85 3.65 22.26
CA ASP B 158 9.00 2.69 22.95
C ASP B 158 8.01 2.01 22.02
N GLY B 159 7.88 2.48 20.78
CA GLY B 159 6.90 1.92 19.88
C GLY B 159 5.49 2.25 20.29
N GLN B 160 4.52 1.87 19.47
CA GLN B 160 3.12 2.12 19.76
C GLN B 160 2.33 0.85 19.52
N GLU B 161 1.46 0.51 20.46
CA GLU B 161 0.59 -0.64 20.27
C GLU B 161 -0.49 -0.33 19.25
N PHE B 162 -0.75 -1.28 18.37
CA PHE B 162 -1.75 -1.09 17.34
C PHE B 162 -3.14 -0.96 17.97
N ARG B 163 -3.93 -0.04 17.43
CA ARG B 163 -5.32 0.08 17.86
C ARG B 163 -6.20 -0.90 17.10
N ASP B 164 -6.11 -0.88 15.77
CA ASP B 164 -6.82 -1.81 14.90
C ASP B 164 -5.79 -2.48 14.01
N PRO B 165 -5.15 -3.54 14.50
CA PRO B 165 -4.13 -4.22 13.69
C PRO B 165 -4.69 -4.82 12.43
N TYR B 166 -5.99 -5.11 12.39
CA TYR B 166 -6.58 -5.69 11.20
C TYR B 166 -6.45 -4.77 9.99
N VAL B 167 -6.45 -3.46 10.21
CA VAL B 167 -6.29 -2.49 9.14
C VAL B 167 -4.97 -1.74 9.28
N LEU B 168 -4.02 -2.27 10.03
CA LEU B 168 -2.69 -1.70 10.19
C LEU B 168 -2.73 -0.27 10.71
N ASP B 169 -3.84 0.14 11.32
CA ASP B 169 -4.06 1.53 11.72
C ASP B 169 -3.85 2.49 10.57
N ALA B 170 -4.06 2.01 9.34
CA ALA B 170 -3.85 2.84 8.17
C ALA B 170 -4.91 2.62 7.11
N GLY B 171 -5.96 1.87 7.40
CA GLY B 171 -7.01 1.61 6.43
C GLY B 171 -6.67 0.58 5.39
N ILE B 172 -5.48 0.00 5.42
CA ILE B 172 -5.09 -1.02 4.46
C ILE B 172 -5.19 -2.37 5.15
N PRO B 173 -5.60 -3.43 4.45
CA PRO B 173 -5.81 -4.72 5.12
C PRO B 173 -4.49 -5.33 5.57
N LEU B 174 -4.48 -5.85 6.80
CA LEU B 174 -3.29 -6.52 7.30
C LEU B 174 -2.93 -7.74 6.48
N SER B 175 -3.93 -8.43 5.93
CA SER B 175 -3.67 -9.63 5.14
C SER B 175 -2.77 -9.36 3.95
N GLN B 176 -2.73 -8.12 3.46
CA GLN B 176 -1.88 -7.78 2.33
C GLN B 176 -0.59 -7.09 2.76
N ALA B 177 -0.34 -6.97 4.07
CA ALA B 177 0.88 -6.35 4.53
C ALA B 177 2.11 -7.10 4.07
N LEU B 178 1.95 -8.34 3.62
CA LEU B 178 3.07 -9.12 3.11
C LEU B 178 3.59 -8.58 1.78
N ILE B 179 2.89 -7.63 1.16
CA ILE B 179 3.42 -6.97 -0.02
C ILE B 179 4.65 -6.15 0.32
N PHE B 180 4.82 -5.80 1.58
CA PHE B 180 6.00 -5.11 2.09
C PHE B 180 7.08 -6.10 2.44
N PRO B 181 8.33 -5.65 2.55
CA PRO B 181 9.38 -6.55 3.04
C PRO B 181 9.03 -7.08 4.41
N HIS B 182 8.78 -8.37 4.50
CA HIS B 182 8.21 -8.95 5.71
C HIS B 182 8.96 -10.23 6.07
N GLN B 183 8.61 -10.77 7.23
CA GLN B 183 9.21 -11.99 7.72
C GLN B 183 8.32 -12.54 8.81
N TRP B 184 8.06 -13.84 8.76
CA TRP B 184 7.23 -14.48 9.75
C TRP B 184 8.06 -14.92 10.95
N ILE B 185 7.51 -14.77 12.13
CA ILE B 185 8.06 -15.36 13.33
C ILE B 185 7.02 -16.34 13.85
N ASN B 186 7.14 -17.60 13.43
CA ASN B 186 6.28 -18.66 13.89
C ASN B 186 7.01 -19.38 15.02
N LEU B 187 6.48 -19.26 16.24
CA LEU B 187 7.23 -19.65 17.42
C LEU B 187 7.68 -21.10 17.38
N ARG B 188 7.00 -21.94 16.60
CA ARG B 188 7.38 -23.34 16.55
C ARG B 188 8.54 -23.62 15.62
N THR B 189 8.87 -22.69 14.71
CA THR B 189 9.95 -22.93 13.76
C THR B 189 11.07 -21.91 13.84
N ASN B 190 10.80 -20.68 14.25
CA ASN B 190 11.85 -19.68 14.37
C ASN B 190 11.35 -18.57 15.27
N ASN B 191 12.28 -17.86 15.89
CA ASN B 191 11.92 -16.75 16.77
C ASN B 191 12.71 -15.49 16.45
N CYS B 192 13.32 -15.42 15.27
CA CYS B 192 14.08 -14.25 14.87
C CYS B 192 13.66 -13.83 13.48
N ALA B 193 13.53 -12.52 13.29
CA ALA B 193 13.24 -11.95 11.98
C ALA B 193 14.24 -10.84 11.73
N THR B 194 14.88 -10.88 10.57
CA THR B 194 15.89 -9.89 10.20
C THR B 194 15.48 -9.26 8.89
N ILE B 195 15.18 -7.96 8.91
CA ILE B 195 14.82 -7.21 7.72
C ILE B 195 15.85 -6.10 7.55
N ILE B 196 16.41 -6.02 6.35
CA ILE B 196 17.36 -4.97 6.00
C ILE B 196 16.65 -4.02 5.05
N MET B 197 16.44 -2.79 5.47
CA MET B 197 15.71 -1.82 4.68
C MET B 197 16.64 -0.73 4.21
N PRO B 198 16.84 -0.56 2.91
CA PRO B 198 17.66 0.56 2.43
C PRO B 198 16.92 1.87 2.59
N TYR B 199 17.61 2.96 2.26
CA TYR B 199 16.98 4.27 2.31
C TYR B 199 16.04 4.40 1.12
N ILE B 200 14.75 4.51 1.39
CA ILE B 200 13.74 4.64 0.35
C ILE B 200 13.02 5.96 0.58
N ASN B 201 13.17 6.89 -0.36
CA ASN B 201 12.55 8.19 -0.27
C ASN B 201 12.59 8.85 -1.63
N ALA B 202 11.67 9.78 -1.84
CA ALA B 202 11.65 10.58 -3.06
C ALA B 202 12.69 11.68 -3.04
N LEU B 203 13.61 11.67 -2.09
CA LEU B 203 14.69 12.64 -2.01
C LEU B 203 15.95 11.91 -1.58
N PRO B 204 17.12 12.39 -2.01
CA PRO B 204 18.36 11.72 -1.58
C PRO B 204 18.59 11.83 -0.09
N PHE B 205 18.27 12.98 0.49
CA PHE B 205 18.35 13.20 1.93
C PHE B 205 17.05 13.80 2.39
N ASP B 206 16.82 13.76 3.70
CA ASP B 206 15.58 14.28 4.26
C ASP B 206 15.78 14.58 5.74
N SER B 207 14.77 15.16 6.35
CA SER B 207 14.81 15.50 7.76
C SER B 207 14.52 14.27 8.60
N ALA B 208 15.45 13.89 9.46
CA ALA B 208 15.24 12.73 10.32
C ALA B 208 14.16 12.98 11.35
N LEU B 209 13.94 14.24 11.72
CA LEU B 209 12.97 14.54 12.77
C LEU B 209 11.55 14.69 12.25
N ASN B 210 11.39 15.12 11.00
CA ASN B 210 10.06 15.33 10.46
C ASN B 210 9.54 14.10 9.73
N HIS B 211 10.34 13.55 8.82
CA HIS B 211 9.91 12.46 7.96
C HIS B 211 10.39 11.13 8.50
N SER B 212 9.47 10.18 8.63
CA SER B 212 9.80 8.81 8.98
C SER B 212 9.77 7.96 7.71
N ASN B 213 10.93 7.51 7.28
CA ASN B 213 11.02 6.83 5.99
C ASN B 213 10.18 5.56 5.97
N PHE B 214 10.12 4.84 7.09
CA PHE B 214 9.33 3.62 7.12
C PHE B 214 8.99 3.28 8.56
N GLY B 215 8.04 2.38 8.70
CA GLY B 215 7.67 1.85 9.99
C GLY B 215 7.87 0.34 10.00
N LEU B 216 8.28 -0.18 11.13
CA LEU B 216 8.43 -1.63 11.32
C LEU B 216 7.31 -2.10 12.22
N VAL B 217 6.46 -2.96 11.69
CA VAL B 217 5.32 -3.49 12.43
C VAL B 217 5.65 -4.90 12.88
N VAL B 218 5.21 -5.25 14.09
CA VAL B 218 5.32 -6.58 14.64
C VAL B 218 3.93 -6.92 15.17
N ILE B 219 3.19 -7.72 14.43
CA ILE B 219 1.77 -7.93 14.67
C ILE B 219 1.55 -9.42 14.91
N PRO B 220 0.91 -9.80 16.01
CA PRO B 220 0.57 -11.22 16.19
C PRO B 220 -0.60 -11.64 15.34
N ILE B 221 -0.34 -12.39 14.28
CA ILE B 221 -1.44 -12.95 13.50
C ILE B 221 -2.11 -14.08 14.27
N SER B 222 -1.35 -15.11 14.60
CA SER B 222 -1.82 -16.14 15.50
C SER B 222 -1.56 -15.69 16.93
N PRO B 223 -2.58 -15.53 17.76
CA PRO B 223 -2.35 -14.98 19.10
C PRO B 223 -1.49 -15.92 19.93
N LEU B 224 -0.77 -15.33 20.88
CA LEU B 224 0.09 -16.10 21.76
C LEU B 224 -0.75 -16.99 22.66
N LYS B 225 -0.42 -18.27 22.71
CA LYS B 225 -1.11 -19.23 23.54
C LYS B 225 -0.11 -20.04 24.35
N TYR B 226 -0.55 -20.46 25.53
CA TYR B 226 0.29 -21.22 26.44
C TYR B 226 -0.62 -21.80 27.52
N CYS B 227 -0.16 -22.86 28.15
CA CYS B 227 -0.90 -23.43 29.26
C CYS B 227 -0.43 -22.84 30.58
N ASN B 228 -1.25 -23.03 31.61
CA ASN B 228 -0.96 -22.44 32.91
C ASN B 228 0.36 -22.95 33.45
N GLY B 229 1.24 -22.02 33.81
CA GLY B 229 2.58 -22.32 34.29
C GLY B 229 3.67 -21.72 33.43
N ALA B 230 3.41 -21.55 32.14
CA ALA B 230 4.39 -20.95 31.26
C ALA B 230 4.45 -19.44 31.49
N THR B 231 5.52 -18.84 31.00
CA THR B 231 5.66 -17.39 31.10
C THR B 231 4.55 -16.72 30.32
N THR B 232 3.76 -15.90 31.02
CA THR B 232 2.54 -15.35 30.43
C THR B 232 2.81 -14.28 29.39
N GLU B 233 4.05 -13.89 29.16
CA GLU B 233 4.37 -12.89 28.16
C GLU B 233 5.69 -13.25 27.50
N VAL B 234 5.68 -13.36 26.18
CA VAL B 234 6.89 -13.66 25.41
C VAL B 234 7.59 -12.33 25.11
N PRO B 235 8.83 -12.15 25.54
CA PRO B 235 9.52 -10.90 25.25
C PRO B 235 9.89 -10.81 23.78
N ILE B 236 9.64 -9.64 23.19
CA ILE B 236 10.02 -9.35 21.81
C ILE B 236 11.09 -8.28 21.86
N THR B 237 12.29 -8.63 21.42
CA THR B 237 13.43 -7.72 21.44
C THR B 237 13.69 -7.22 20.04
N LEU B 238 13.82 -5.91 19.89
CA LEU B 238 14.11 -5.28 18.62
C LEU B 238 15.50 -4.69 18.67
N THR B 239 16.39 -5.20 17.82
CA THR B 239 17.74 -4.68 17.70
C THR B 239 17.87 -3.97 16.36
N ILE B 240 18.36 -2.74 16.39
CA ILE B 240 18.45 -1.90 15.21
C ILE B 240 19.90 -1.56 14.94
N ALA B 241 20.30 -1.64 13.68
CA ALA B 241 21.65 -1.29 13.26
C ALA B 241 21.56 -0.38 12.04
N PRO B 242 21.81 0.92 12.19
CA PRO B 242 21.82 1.79 11.01
C PRO B 242 22.92 1.38 10.05
N LEU B 243 22.58 1.31 8.77
CA LEU B 243 23.51 0.92 7.72
C LEU B 243 23.70 2.08 6.76
N ASN B 244 24.96 2.43 6.51
CA ASN B 244 25.30 3.47 5.54
C ASN B 244 24.59 4.78 5.86
N SER B 245 24.62 5.18 7.13
CA SER B 245 24.00 6.43 7.52
C SER B 245 24.83 7.62 7.08
N GLU B 246 24.15 8.66 6.62
CA GLU B 246 24.80 9.90 6.23
C GLU B 246 24.04 11.08 6.83
N PHE B 247 24.77 12.16 7.10
CA PHE B 247 24.18 13.34 7.71
C PHE B 247 24.80 14.58 7.07
N SER B 248 24.04 15.68 7.08
CA SER B 248 24.49 16.93 6.48
C SER B 248 23.94 18.11 7.26
N GLY B 249 24.65 19.22 7.19
CA GLY B 249 24.21 20.44 7.84
C GLY B 249 24.21 20.37 9.35
N LEU B 250 25.40 20.26 9.94
CA LEU B 250 25.51 20.11 11.39
C LEU B 250 25.19 21.42 12.09
N ARG B 251 24.33 21.34 13.10
CA ARG B 251 24.00 22.48 13.94
C ARG B 251 24.81 22.42 15.23
N GLN B 252 24.66 23.46 16.05
CA GLN B 252 25.32 23.54 17.34
C GLN B 252 24.35 23.52 18.51
N ALA B 253 23.36 24.40 18.51
CA ALA B 253 22.37 24.50 19.57
C ALA B 253 23.02 24.63 20.95
N GLY C 1 -2.15 24.12 -50.35
CA GLY C 1 -1.12 23.35 -49.68
C GLY C 1 -1.21 21.86 -49.96
N PHE C 2 -0.59 21.07 -49.11
CA PHE C 2 -0.60 19.62 -49.22
C PHE C 2 -2.04 19.11 -49.13
N PRO C 3 -2.53 18.39 -50.13
CA PRO C 3 -3.96 18.02 -50.15
C PRO C 3 -4.26 16.94 -49.12
N THR C 4 -5.16 17.25 -48.19
CA THR C 4 -5.58 16.31 -47.17
C THR C 4 -7.08 16.12 -47.26
N GLU C 5 -7.60 15.24 -46.41
CA GLU C 5 -9.02 14.91 -46.42
C GLU C 5 -9.36 14.38 -45.04
N LEU C 6 -10.18 15.12 -44.30
CA LEU C 6 -10.53 14.69 -42.94
C LEU C 6 -11.42 13.46 -42.99
N LYS C 7 -11.01 12.43 -42.30
CA LYS C 7 -11.72 11.17 -42.26
C LYS C 7 -12.63 11.12 -41.05
N PRO C 8 -13.60 10.20 -41.04
CA PRO C 8 -14.42 10.03 -39.83
C PRO C 8 -13.55 9.72 -38.63
N GLY C 9 -13.88 10.35 -37.51
CA GLY C 9 -13.07 10.26 -36.32
C GLY C 9 -12.27 11.51 -36.01
N THR C 10 -12.28 12.51 -36.87
CA THR C 10 -11.66 13.78 -36.54
C THR C 10 -12.49 14.52 -35.50
N ASN C 11 -11.81 15.29 -34.66
CA ASN C 11 -12.37 16.09 -33.58
C ASN C 11 -12.89 15.25 -32.43
N GLN C 12 -12.86 13.92 -32.53
CA GLN C 12 -13.32 13.10 -31.44
C GLN C 12 -12.26 13.01 -30.36
N PHE C 13 -12.71 12.84 -29.12
CA PHE C 13 -11.84 12.61 -27.99
C PHE C 13 -12.12 11.20 -27.49
N LEU C 14 -11.10 10.35 -27.48
CA LEU C 14 -11.29 8.94 -27.22
C LEU C 14 -11.08 8.53 -25.77
N THR C 15 -10.28 9.28 -25.02
CA THR C 15 -9.97 9.04 -23.61
C THR C 15 -9.08 7.82 -23.43
N THR C 16 -8.84 7.07 -24.50
CA THR C 16 -7.85 6.01 -24.49
C THR C 16 -6.84 6.15 -25.60
N ASP C 17 -7.01 7.13 -26.49
CA ASP C 17 -6.04 7.35 -27.56
C ASP C 17 -4.72 7.83 -26.98
N ASP C 18 -3.64 7.19 -27.39
CA ASP C 18 -2.30 7.58 -26.97
C ASP C 18 -1.77 8.70 -27.86
N GLY C 19 -2.51 9.81 -27.86
CA GLY C 19 -2.16 10.95 -28.67
C GLY C 19 -0.93 11.65 -28.15
N THR C 20 -0.55 12.71 -28.87
CA THR C 20 0.58 13.55 -28.50
C THR C 20 0.08 14.96 -28.28
N SER C 21 0.24 15.44 -27.06
CA SER C 21 -0.16 16.79 -26.75
C SER C 21 1.06 17.68 -26.59
N PRO C 22 0.93 18.98 -26.85
CA PRO C 22 2.06 19.87 -26.64
C PRO C 22 2.25 20.14 -25.16
N PRO C 23 3.50 20.23 -24.70
CA PRO C 23 3.73 20.51 -23.28
C PRO C 23 3.43 21.98 -22.97
N ILE C 24 2.71 22.20 -21.87
CA ILE C 24 2.40 23.59 -21.50
C ILE C 24 3.66 24.32 -21.09
N LEU C 25 4.67 23.61 -20.62
CA LEU C 25 5.91 24.20 -20.12
C LEU C 25 7.08 23.63 -20.91
N PRO C 26 7.30 24.09 -22.13
CA PRO C 26 8.48 23.66 -22.87
C PRO C 26 9.73 24.20 -22.21
N GLY C 27 10.81 23.44 -22.35
CA GLY C 27 12.06 23.80 -21.71
C GLY C 27 12.10 23.56 -20.22
N PHE C 28 10.97 23.28 -19.59
CA PHE C 28 10.95 22.96 -18.17
C PHE C 28 11.60 21.60 -17.95
N GLU C 29 12.70 21.60 -17.21
CA GLU C 29 13.41 20.36 -16.92
C GLU C 29 12.84 19.79 -15.62
N PRO C 30 12.18 18.65 -15.64
CA PRO C 30 11.67 18.07 -14.39
C PRO C 30 12.81 17.61 -13.52
N THR C 31 12.48 17.35 -12.26
CA THR C 31 13.47 16.87 -11.32
C THR C 31 14.11 15.60 -11.84
N PRO C 32 15.44 15.54 -11.95
CA PRO C 32 16.07 14.35 -12.53
C PRO C 32 15.73 13.10 -11.74
N LEU C 33 15.58 11.99 -12.45
CA LEU C 33 15.12 10.74 -11.87
C LEU C 33 16.29 10.04 -11.21
N ILE C 34 16.27 9.94 -9.89
CA ILE C 34 17.25 9.19 -9.14
C ILE C 34 16.68 7.81 -8.84
N HIS C 35 17.56 6.90 -8.44
CA HIS C 35 17.12 5.53 -8.17
C HIS C 35 16.39 5.45 -6.85
N ILE C 36 15.21 4.85 -6.89
CA ILE C 36 14.42 4.56 -5.68
C ILE C 36 14.26 3.05 -5.61
N PRO C 37 14.60 2.41 -4.50
CA PRO C 37 14.42 0.96 -4.41
C PRO C 37 12.96 0.59 -4.41
N GLY C 38 12.67 -0.61 -4.90
CA GLY C 38 11.33 -1.13 -4.86
C GLY C 38 10.43 -0.74 -6.00
N GLU C 39 10.99 -0.45 -7.17
CA GLU C 39 10.16 -0.18 -8.33
C GLU C 39 9.50 -1.45 -8.80
N PHE C 40 8.20 -1.39 -9.02
CA PHE C 40 7.47 -2.49 -9.62
C PHE C 40 6.87 -2.03 -10.93
N THR C 41 7.00 -2.86 -11.96
CA THR C 41 6.56 -2.50 -13.30
C THR C 41 5.41 -3.36 -13.80
N SER C 42 4.99 -4.36 -13.03
CA SER C 42 3.91 -5.24 -13.46
C SER C 42 3.09 -5.65 -12.25
N LEU C 43 1.76 -5.61 -12.40
CA LEU C 43 0.91 -6.05 -11.32
C LEU C 43 0.98 -7.54 -11.11
N LEU C 44 1.45 -8.30 -12.11
CA LEU C 44 1.63 -9.73 -11.93
C LEU C 44 2.68 -10.00 -10.87
N ASP C 45 3.70 -9.16 -10.77
CA ASP C 45 4.69 -9.31 -9.71
C ASP C 45 4.05 -9.14 -8.33
N LEU C 46 2.98 -8.36 -8.25
CA LEU C 46 2.27 -8.22 -6.98
C LEU C 46 1.34 -9.41 -6.75
N CYS C 47 0.75 -9.93 -7.82
CA CYS C 47 -0.11 -11.09 -7.67
C CYS C 47 0.68 -12.31 -7.21
N GLN C 48 1.97 -12.36 -7.52
CA GLN C 48 2.80 -13.49 -7.15
C GLN C 48 3.35 -13.38 -5.74
N VAL C 49 2.91 -12.40 -4.97
CA VAL C 49 3.32 -12.24 -3.58
C VAL C 49 2.28 -12.88 -2.70
N GLU C 50 2.72 -13.79 -1.83
CA GLU C 50 1.80 -14.47 -0.93
C GLU C 50 1.18 -13.49 0.04
N THR C 51 -0.14 -13.51 0.14
CA THR C 51 -0.86 -12.69 1.09
C THR C 51 -1.88 -13.55 1.82
N ILE C 52 -2.21 -13.16 3.04
CA ILE C 52 -2.98 -14.01 3.92
C ILE C 52 -4.41 -14.15 3.39
N LEU C 53 -4.88 -15.39 3.30
CA LEU C 53 -6.25 -15.66 2.91
C LEU C 53 -7.17 -15.51 4.12
N GLU C 54 -8.25 -14.78 3.94
CA GLU C 54 -9.24 -14.63 5.01
C GLU C 54 -10.21 -15.81 4.99
N VAL C 55 -9.65 -16.99 5.30
CA VAL C 55 -10.42 -18.22 5.19
C VAL C 55 -11.50 -18.26 6.25
N ASN C 56 -11.23 -17.74 7.44
CA ASN C 56 -12.24 -17.72 8.49
C ASN C 56 -13.12 -16.50 8.34
N ASN C 57 -13.66 -16.30 7.14
CA ASN C 57 -14.55 -15.17 6.87
C ASN C 57 -15.99 -15.54 7.24
N THR C 58 -16.16 -15.89 8.51
CA THR C 58 -17.46 -16.34 9.00
C THR C 58 -18.13 -15.23 9.80
N THR C 59 -19.44 -15.36 9.94
CA THR C 59 -20.20 -14.40 10.71
C THR C 59 -19.75 -14.41 12.17
N GLY C 60 -19.55 -13.23 12.73
CA GLY C 60 -19.12 -13.11 14.10
C GLY C 60 -17.62 -13.05 14.30
N THR C 61 -16.85 -13.59 13.36
CA THR C 61 -15.40 -13.53 13.44
C THR C 61 -14.95 -12.15 13.00
N THR C 62 -14.20 -11.46 13.86
CA THR C 62 -13.82 -10.08 13.63
C THR C 62 -12.31 -9.93 13.69
N GLY C 63 -11.80 -8.93 12.98
CA GLY C 63 -10.41 -8.56 13.08
C GLY C 63 -9.47 -9.62 12.52
N VAL C 64 -8.34 -9.77 13.19
CA VAL C 64 -7.31 -10.70 12.74
C VAL C 64 -7.76 -12.14 12.87
N SER C 65 -8.73 -12.42 13.74
CA SER C 65 -9.22 -13.78 13.88
C SER C 65 -9.78 -14.33 12.58
N ARG C 66 -10.16 -13.47 11.64
CA ARG C 66 -10.66 -13.93 10.35
C ARG C 66 -9.56 -14.52 9.49
N LEU C 67 -8.30 -14.24 9.81
CA LEU C 67 -7.18 -14.72 9.01
C LEU C 67 -6.67 -16.07 9.47
N LEU C 68 -7.26 -16.66 10.51
CA LEU C 68 -6.76 -17.87 11.13
C LEU C 68 -7.73 -19.02 10.89
N ILE C 69 -7.19 -20.16 10.49
CA ILE C 69 -7.98 -21.38 10.40
C ILE C 69 -7.82 -22.13 11.71
N PRO C 70 -8.83 -22.10 12.59
CA PRO C 70 -8.67 -22.74 13.90
C PRO C 70 -8.56 -24.25 13.78
N VAL C 71 -7.56 -24.80 14.45
CA VAL C 71 -7.33 -26.24 14.50
C VAL C 71 -7.26 -26.63 15.97
N ARG C 72 -8.08 -27.59 16.38
CA ARG C 72 -8.18 -27.96 17.78
C ARG C 72 -8.24 -29.48 17.90
N ALA C 73 -8.12 -29.95 19.14
CA ALA C 73 -8.23 -31.37 19.45
C ALA C 73 -9.65 -31.83 19.19
N GLN C 74 -9.83 -32.60 18.12
CA GLN C 74 -11.17 -33.01 17.69
C GLN C 74 -11.61 -34.26 18.43
N ASN C 75 -12.89 -34.29 18.80
CA ASN C 75 -13.46 -35.51 19.35
C ASN C 75 -13.65 -36.58 18.28
N ASN C 76 -13.72 -36.17 17.02
CA ASN C 76 -13.87 -37.09 15.90
C ASN C 76 -12.81 -36.78 14.86
N VAL C 77 -12.27 -37.82 14.24
CA VAL C 77 -11.25 -37.67 13.23
C VAL C 77 -11.91 -37.75 11.86
N ASP C 78 -11.16 -37.40 10.81
CA ASP C 78 -11.65 -37.29 9.44
C ASP C 78 -12.67 -36.17 9.30
N GLN C 79 -12.75 -35.28 10.27
CA GLN C 79 -13.62 -34.12 10.16
C GLN C 79 -13.02 -33.10 9.20
N LEU C 80 -13.88 -32.32 8.58
CA LEU C 80 -13.44 -31.22 7.73
C LEU C 80 -13.04 -30.05 8.61
N CYS C 81 -11.78 -29.64 8.50
CA CYS C 81 -11.31 -28.50 9.28
C CYS C 81 -11.80 -27.19 8.67
N ALA C 82 -11.51 -26.98 7.40
CA ALA C 82 -11.94 -25.77 6.71
C ALA C 82 -11.93 -26.04 5.21
N SER C 83 -12.67 -25.21 4.48
CA SER C 83 -12.72 -25.30 3.04
C SER C 83 -12.92 -23.91 2.47
N PHE C 84 -12.41 -23.71 1.26
CA PHE C 84 -12.59 -22.45 0.57
C PHE C 84 -12.35 -22.67 -0.91
N GLN C 85 -13.08 -21.94 -1.73
CA GLN C 85 -12.95 -22.07 -3.17
C GLN C 85 -11.73 -21.30 -3.65
N VAL C 86 -11.12 -21.81 -4.72
CA VAL C 86 -9.95 -21.16 -5.31
C VAL C 86 -10.49 -20.22 -6.38
N ASP C 87 -10.88 -19.03 -5.95
CA ASP C 87 -11.45 -18.01 -6.84
C ASP C 87 -11.01 -16.64 -6.38
N PRO C 88 -9.85 -16.18 -6.85
CA PRO C 88 -9.33 -14.89 -6.38
C PRO C 88 -10.25 -13.72 -6.66
N GLY C 89 -10.88 -13.68 -7.82
CA GLY C 89 -11.65 -12.51 -8.17
C GLY C 89 -13.02 -12.40 -7.54
N ARG C 90 -13.51 -13.45 -6.90
CA ARG C 90 -14.85 -13.46 -6.35
C ARG C 90 -14.84 -13.13 -4.87
N ASN C 91 -16.01 -12.78 -4.36
CA ASN C 91 -16.15 -12.53 -2.93
C ASN C 91 -15.83 -13.79 -2.15
N GLY C 92 -15.16 -13.62 -1.01
CA GLY C 92 -14.80 -14.74 -0.18
C GLY C 92 -13.40 -14.60 0.37
N PRO C 93 -12.81 -15.71 0.78
CA PRO C 93 -11.49 -15.66 1.44
C PRO C 93 -10.42 -14.98 0.61
N TRP C 94 -10.56 -14.97 -0.71
CA TRP C 94 -9.51 -14.42 -1.55
C TRP C 94 -9.57 -12.91 -1.66
N GLN C 95 -10.64 -12.27 -1.15
CA GLN C 95 -10.70 -10.81 -1.19
C GLN C 95 -9.57 -10.19 -0.40
N SER C 96 -9.10 -10.87 0.64
CA SER C 96 -8.05 -10.33 1.49
C SER C 96 -6.66 -10.48 0.90
N THR C 97 -6.53 -11.08 -0.28
CA THR C 97 -5.24 -11.29 -0.91
C THR C 97 -4.94 -10.16 -1.89
N MET C 98 -3.65 -10.01 -2.18
CA MET C 98 -3.26 -9.04 -3.20
C MET C 98 -3.70 -9.51 -4.58
N VAL C 99 -3.55 -10.80 -4.86
CA VAL C 99 -4.00 -11.33 -6.15
C VAL C 99 -5.50 -11.21 -6.28
N GLY C 100 -6.23 -11.47 -5.19
CA GLY C 100 -7.67 -11.37 -5.23
C GLY C 100 -8.16 -9.95 -5.43
N GLN C 101 -7.41 -8.97 -4.93
CA GLN C 101 -7.79 -7.58 -5.12
C GLN C 101 -7.40 -7.07 -6.49
N ILE C 102 -6.27 -7.55 -7.03
CA ILE C 102 -5.87 -7.11 -8.36
C ILE C 102 -6.76 -7.74 -9.42
N CYS C 103 -7.21 -8.97 -9.21
CA CYS C 103 -8.15 -9.58 -10.14
C CYS C 103 -9.44 -8.77 -10.24
N ARG C 104 -9.80 -8.06 -9.17
CA ARG C 104 -10.97 -7.20 -9.23
C ARG C 104 -10.79 -6.05 -10.20
N TYR C 105 -9.56 -5.67 -10.50
CA TYR C 105 -9.29 -4.61 -11.45
C TYR C 105 -9.25 -5.10 -12.89
N TYR C 106 -9.54 -6.36 -13.13
CA TYR C 106 -9.47 -6.93 -14.46
C TYR C 106 -10.72 -7.74 -14.73
N THR C 107 -10.91 -8.10 -15.99
CA THR C 107 -12.12 -8.82 -16.40
C THR C 107 -11.88 -10.31 -16.51
N GLN C 108 -10.79 -10.71 -17.14
CA GLN C 108 -10.44 -12.11 -17.26
C GLN C 108 -9.05 -12.34 -16.69
N TRP C 109 -8.84 -13.55 -16.17
CA TRP C 109 -7.54 -13.94 -15.68
C TRP C 109 -7.46 -15.46 -15.71
N SER C 110 -6.25 -15.97 -15.84
CA SER C 110 -6.04 -17.40 -15.88
C SER C 110 -4.61 -17.69 -15.48
N GLY C 111 -4.39 -18.86 -14.93
CA GLY C 111 -3.07 -19.25 -14.49
C GLY C 111 -3.13 -20.14 -13.28
N SER C 112 -1.98 -20.58 -12.81
CA SER C 112 -1.92 -21.43 -11.64
C SER C 112 -1.72 -20.58 -10.39
N LEU C 113 -2.36 -20.98 -9.31
CA LEU C 113 -2.21 -20.33 -8.02
C LEU C 113 -1.49 -21.27 -7.05
N LYS C 114 -0.82 -20.69 -6.08
CA LYS C 114 -0.23 -21.45 -4.99
C LYS C 114 -0.88 -21.02 -3.68
N VAL C 115 -1.06 -21.97 -2.78
CA VAL C 115 -1.66 -21.71 -1.48
C VAL C 115 -0.76 -22.33 -0.44
N THR C 116 -0.17 -21.50 0.40
CA THR C 116 0.73 -21.95 1.46
C THR C 116 -0.02 -21.98 2.78
N PHE C 117 0.21 -23.03 3.55
CA PHE C 117 -0.41 -23.20 4.86
C PHE C 117 0.69 -23.18 5.91
N MET C 118 0.53 -22.33 6.92
CA MET C 118 1.46 -22.25 8.03
C MET C 118 0.74 -22.74 9.27
N PHE C 119 1.29 -23.77 9.90
CA PHE C 119 0.79 -24.21 11.18
C PHE C 119 1.46 -23.40 12.28
N THR C 120 0.66 -22.84 13.18
CA THR C 120 1.16 -21.96 14.23
C THR C 120 0.88 -22.51 15.62
N GLY C 121 0.92 -23.82 15.78
CA GLY C 121 0.82 -24.42 17.09
C GLY C 121 2.18 -24.49 17.76
N SER C 122 2.17 -25.04 18.97
CA SER C 122 3.42 -25.16 19.71
C SER C 122 4.35 -26.16 19.02
N PHE C 123 5.63 -26.03 19.32
CA PHE C 123 6.62 -26.95 18.76
C PHE C 123 6.33 -28.39 19.16
N MET C 124 5.72 -28.58 20.32
CA MET C 124 5.42 -29.92 20.80
C MET C 124 4.17 -30.50 20.17
N ALA C 125 3.35 -29.67 19.53
CA ALA C 125 2.13 -30.17 18.90
C ALA C 125 2.48 -30.94 17.64
N THR C 126 1.72 -32.00 17.37
CA THR C 126 1.96 -32.83 16.20
C THR C 126 0.64 -33.40 15.73
N GLY C 127 0.66 -33.92 14.51
CA GLY C 127 -0.53 -34.45 13.89
C GLY C 127 -0.44 -34.28 12.39
N LYS C 128 -1.46 -34.77 11.71
CA LYS C 128 -1.53 -34.72 10.25
C LYS C 128 -2.83 -34.10 9.81
N MET C 129 -2.74 -33.19 8.85
CA MET C 129 -3.91 -32.68 8.14
C MET C 129 -3.81 -33.09 6.68
N LEU C 130 -4.97 -33.25 6.06
CA LEU C 130 -5.04 -33.65 4.65
C LEU C 130 -5.53 -32.45 3.85
N ILE C 131 -4.63 -31.82 3.12
CA ILE C 131 -4.97 -30.70 2.25
C ILE C 131 -5.34 -31.29 0.90
N ALA C 132 -6.63 -31.23 0.57
CA ALA C 132 -7.13 -31.77 -0.68
C ALA C 132 -7.64 -30.65 -1.57
N TYR C 133 -7.34 -30.77 -2.87
CA TYR C 133 -7.79 -29.80 -3.86
C TYR C 133 -8.73 -30.51 -4.83
N THR C 134 -9.93 -30.02 -4.93
CA THR C 134 -10.89 -30.58 -5.86
C THR C 134 -10.95 -29.74 -7.11
N PRO C 135 -10.79 -30.32 -8.29
CA PRO C 135 -10.77 -29.54 -9.52
C PRO C 135 -12.11 -28.88 -9.77
N PRO C 136 -12.17 -27.92 -10.71
CA PRO C 136 -13.46 -27.29 -11.01
C PRO C 136 -14.42 -28.29 -11.61
N GLY C 137 -15.71 -28.07 -11.35
CA GLY C 137 -16.74 -28.95 -11.86
C GLY C 137 -17.09 -30.11 -10.96
N SER C 138 -16.44 -30.22 -9.81
CA SER C 138 -16.71 -31.29 -8.87
C SER C 138 -17.04 -30.68 -7.51
N ALA C 139 -18.08 -31.21 -6.87
CA ALA C 139 -18.43 -30.74 -5.54
C ALA C 139 -17.33 -31.11 -4.55
N GLN C 140 -17.25 -30.34 -3.46
CA GLN C 140 -16.22 -30.59 -2.48
C GLN C 140 -16.44 -31.97 -1.86
N PRO C 141 -15.37 -32.65 -1.49
CA PRO C 141 -15.52 -34.00 -0.94
C PRO C 141 -16.29 -33.98 0.36
N THR C 142 -17.06 -35.05 0.59
CA THR C 142 -17.86 -35.15 1.79
C THR C 142 -17.16 -35.91 2.91
N THR C 143 -16.16 -36.72 2.58
CA THR C 143 -15.42 -37.48 3.55
C THR C 143 -13.92 -37.33 3.29
N ARG C 144 -13.13 -37.58 4.33
CA ARG C 144 -11.68 -37.49 4.19
C ARG C 144 -11.16 -38.50 3.17
N GLU C 145 -11.83 -39.64 3.04
CA GLU C 145 -11.39 -40.65 2.08
C GLU C 145 -11.61 -40.18 0.65
N ALA C 146 -12.80 -39.63 0.37
CA ALA C 146 -13.06 -39.09 -0.96
C ALA C 146 -12.07 -37.99 -1.31
N ALA C 147 -11.65 -37.21 -0.32
CA ALA C 147 -10.63 -36.21 -0.55
C ALA C 147 -9.28 -36.85 -0.82
N MET C 148 -8.96 -37.92 -0.09
CA MET C 148 -7.69 -38.62 -0.29
C MET C 148 -7.60 -39.22 -1.69
N LEU C 149 -8.74 -39.62 -2.27
CA LEU C 149 -8.70 -40.25 -3.58
C LEU C 149 -8.35 -39.26 -4.69
N GLY C 150 -8.50 -37.97 -4.44
CA GLY C 150 -8.12 -36.95 -5.41
C GLY C 150 -6.76 -36.36 -5.10
N THR C 151 -6.48 -35.22 -5.74
CA THR C 151 -5.24 -34.52 -5.47
C THR C 151 -5.24 -34.02 -4.03
N HIS C 152 -4.21 -34.39 -3.27
CA HIS C 152 -4.18 -34.07 -1.86
C HIS C 152 -2.75 -34.04 -1.37
N ILE C 153 -2.58 -33.53 -0.15
CA ILE C 153 -1.31 -33.50 0.54
C ILE C 153 -1.55 -33.93 1.97
N VAL C 154 -0.91 -35.02 2.40
CA VAL C 154 -0.96 -35.41 3.81
C VAL C 154 0.11 -34.58 4.52
N TRP C 155 -0.34 -33.55 5.23
CA TRP C 155 0.56 -32.58 5.83
C TRP C 155 0.78 -32.93 7.30
N ASP C 156 1.98 -33.39 7.63
CA ASP C 156 2.34 -33.69 9.01
C ASP C 156 2.97 -32.43 9.59
N PHE C 157 2.14 -31.63 10.26
CA PHE C 157 2.66 -30.38 10.80
C PHE C 157 3.56 -30.61 12.01
N GLY C 158 3.72 -31.84 12.48
CA GLY C 158 4.73 -32.11 13.46
C GLY C 158 6.13 -32.09 12.88
N LEU C 159 6.25 -32.36 11.57
CA LEU C 159 7.54 -32.34 10.91
C LEU C 159 7.83 -30.99 10.28
N GLN C 160 6.99 -30.55 9.36
CA GLN C 160 7.14 -29.26 8.70
C GLN C 160 5.92 -28.40 9.01
N SER C 161 6.17 -27.17 9.43
CA SER C 161 5.12 -26.25 9.82
C SER C 161 4.53 -25.48 8.64
N SER C 162 5.08 -25.67 7.45
CA SER C 162 4.59 -24.97 6.27
C SER C 162 4.51 -25.94 5.11
N VAL C 163 3.44 -25.83 4.32
CA VAL C 163 3.26 -26.66 3.15
C VAL C 163 2.63 -25.80 2.05
N THR C 164 2.98 -26.08 0.81
CA THR C 164 2.50 -25.33 -0.34
C THR C 164 1.69 -26.25 -1.24
N LEU C 165 0.50 -25.79 -1.60
CA LEU C 165 -0.37 -26.50 -2.53
C LEU C 165 -0.51 -25.65 -3.78
N VAL C 166 -0.07 -26.19 -4.92
CA VAL C 166 -0.15 -25.49 -6.18
C VAL C 166 -1.45 -25.86 -6.88
N ILE C 167 -2.30 -24.87 -7.11
CA ILE C 167 -3.53 -25.06 -7.87
C ILE C 167 -3.17 -24.96 -9.35
N PRO C 168 -3.45 -25.99 -10.15
CA PRO C 168 -2.92 -26.00 -11.52
C PRO C 168 -3.50 -24.93 -12.44
N TRP C 169 -4.78 -24.61 -12.32
CA TRP C 169 -5.39 -23.64 -13.21
C TRP C 169 -6.72 -23.20 -12.63
N ILE C 170 -7.08 -21.93 -12.84
CA ILE C 170 -8.35 -21.42 -12.33
C ILE C 170 -9.20 -20.88 -13.47
N SER C 171 -8.73 -19.83 -14.15
CA SER C 171 -9.35 -19.29 -15.35
C SER C 171 -10.80 -18.86 -15.09
N ASN C 172 -10.94 -17.83 -14.26
CA ASN C 172 -12.24 -17.20 -14.03
C ASN C 172 -12.42 -16.07 -15.03
N THR C 173 -13.34 -16.25 -15.97
CA THR C 173 -13.64 -15.23 -16.96
C THR C 173 -14.69 -14.28 -16.36
N HIS C 174 -15.20 -13.35 -17.16
CA HIS C 174 -16.17 -12.36 -16.68
C HIS C 174 -17.49 -13.00 -16.29
N ALA C 188 -17.27 -23.58 -13.19
CA ALA C 188 -17.18 -23.44 -11.75
C ALA C 188 -15.75 -23.12 -11.32
N THR C 189 -15.39 -23.54 -10.12
CA THR C 189 -14.07 -23.25 -9.58
C THR C 189 -13.61 -24.38 -8.68
N GLY C 190 -12.31 -24.47 -8.48
CA GLY C 190 -11.75 -25.46 -7.60
C GLY C 190 -12.06 -25.19 -6.14
N ILE C 191 -11.88 -26.22 -5.33
CA ILE C 191 -12.14 -26.13 -3.89
C ILE C 191 -10.97 -26.76 -3.16
N VAL C 192 -10.49 -26.09 -2.12
CA VAL C 192 -9.45 -26.62 -1.24
C VAL C 192 -10.11 -26.97 0.06
N THR C 193 -9.91 -28.21 0.51
CA THR C 193 -10.45 -28.68 1.78
C THR C 193 -9.32 -29.13 2.67
N ILE C 194 -9.49 -28.91 3.97
CA ILE C 194 -8.52 -29.31 4.98
C ILE C 194 -9.21 -30.29 5.92
N TRP C 195 -8.66 -31.49 6.00
CA TRP C 195 -9.25 -32.56 6.79
C TRP C 195 -8.33 -32.95 7.93
N TYR C 196 -8.92 -33.28 9.07
CA TYR C 196 -8.14 -33.81 10.19
C TYR C 196 -7.75 -35.25 9.85
N GLN C 197 -6.56 -35.44 9.29
CA GLN C 197 -6.09 -36.80 9.03
C GLN C 197 -5.91 -37.55 10.32
N THR C 198 -5.24 -36.95 11.29
CA THR C 198 -5.08 -37.50 12.62
C THR C 198 -5.66 -36.53 13.64
N ASN C 199 -5.67 -36.95 14.90
CA ASN C 199 -6.04 -36.06 15.97
C ASN C 199 -4.94 -35.03 16.21
N PHE C 200 -5.25 -34.02 17.00
CA PHE C 200 -4.28 -33.00 17.39
C PHE C 200 -3.55 -33.52 18.62
N VAL C 201 -2.31 -33.97 18.45
CA VAL C 201 -1.56 -34.65 19.49
C VAL C 201 -0.66 -33.65 20.19
N VAL C 202 -0.74 -33.62 21.53
CA VAL C 202 0.08 -32.72 22.33
C VAL C 202 0.49 -33.42 23.60
N PRO C 203 1.69 -33.12 24.09
CA PRO C 203 2.08 -33.56 25.42
C PRO C 203 1.34 -32.76 26.48
N PRO C 204 1.57 -33.01 27.76
CA PRO C 204 0.93 -32.17 28.78
C PRO C 204 1.46 -30.74 28.73
N ASP C 205 0.65 -29.83 29.27
CA ASP C 205 1.05 -28.43 29.47
C ASP C 205 1.39 -27.73 28.16
N THR C 206 0.63 -28.01 27.11
CA THR C 206 0.78 -27.30 25.84
C THR C 206 -0.59 -27.14 25.19
N PRO C 207 -0.86 -25.99 24.57
CA PRO C 207 -2.23 -25.71 24.11
C PRO C 207 -2.73 -26.73 23.11
N THR C 208 -3.97 -27.16 23.30
CA THR C 208 -4.60 -28.16 22.46
C THR C 208 -5.31 -27.56 21.25
N GLU C 209 -5.29 -26.24 21.10
CA GLU C 209 -5.87 -25.59 19.94
C GLU C 209 -4.81 -24.72 19.28
N ALA C 210 -4.80 -24.72 17.95
CA ALA C 210 -3.82 -23.97 17.20
C ALA C 210 -4.52 -23.30 16.02
N ASN C 211 -3.73 -22.67 15.16
CA ASN C 211 -4.26 -21.99 13.99
C ASN C 211 -3.42 -22.33 12.78
N ILE C 212 -4.07 -22.36 11.62
CA ILE C 212 -3.40 -22.46 10.34
C ILE C 212 -3.60 -21.14 9.61
N ILE C 213 -2.52 -20.59 9.08
CA ILE C 213 -2.58 -19.36 8.29
C ILE C 213 -2.44 -19.75 6.83
N ALA C 214 -3.47 -19.47 6.05
CA ALA C 214 -3.47 -19.77 4.62
C ALA C 214 -3.03 -18.52 3.86
N LEU C 215 -2.06 -18.69 2.96
CA LEU C 215 -1.54 -17.60 2.16
C LEU C 215 -1.71 -17.94 0.70
N GLY C 216 -2.38 -17.06 -0.04
CA GLY C 216 -2.65 -17.28 -1.45
C GLY C 216 -1.82 -16.36 -2.32
N ALA C 217 -1.47 -16.85 -3.50
CA ALA C 217 -0.71 -16.07 -4.46
C ALA C 217 -0.87 -16.69 -5.83
N ALA C 218 -0.38 -15.99 -6.83
CA ALA C 218 -0.39 -16.48 -8.20
C ALA C 218 0.99 -16.97 -8.60
N GLN C 219 1.02 -17.84 -9.60
CA GLN C 219 2.28 -18.32 -10.14
C GLN C 219 2.69 -17.43 -11.30
N LYS C 220 3.86 -17.71 -11.88
CA LYS C 220 4.36 -16.84 -12.94
C LYS C 220 3.59 -17.00 -14.25
N ASN C 221 2.83 -18.07 -14.41
CA ASN C 221 2.00 -18.21 -15.59
C ASN C 221 0.67 -17.48 -15.48
N PHE C 222 0.42 -16.82 -14.35
CA PHE C 222 -0.84 -16.11 -14.14
C PHE C 222 -0.84 -14.83 -14.96
N THR C 223 -1.94 -14.58 -15.65
CA THR C 223 -2.07 -13.40 -16.50
C THR C 223 -3.43 -12.76 -16.27
N LEU C 224 -3.49 -11.46 -16.53
CA LEU C 224 -4.69 -10.66 -16.39
C LEU C 224 -5.06 -10.07 -17.76
N LYS C 225 -6.28 -9.55 -17.85
CA LYS C 225 -6.77 -9.10 -19.14
C LYS C 225 -7.92 -8.11 -18.92
N LEU C 226 -7.97 -7.09 -19.80
CA LEU C 226 -9.11 -6.18 -19.89
C LEU C 226 -9.37 -5.45 -18.57
N CYS C 227 -8.45 -4.53 -18.26
CA CYS C 227 -8.59 -3.63 -17.13
C CYS C 227 -10.02 -3.14 -16.97
N LYS C 228 -10.53 -3.23 -15.74
CA LYS C 228 -11.89 -2.82 -15.43
C LYS C 228 -11.87 -2.18 -14.05
N ASP C 229 -12.57 -1.05 -13.91
CA ASP C 229 -12.64 -0.37 -12.64
C ASP C 229 -13.26 -1.28 -11.58
N THR C 230 -12.59 -1.41 -10.45
CA THR C 230 -13.03 -2.33 -9.42
C THR C 230 -14.33 -1.86 -8.79
N ASP C 231 -14.99 -2.79 -8.10
CA ASP C 231 -16.19 -2.50 -7.33
C ASP C 231 -15.94 -2.58 -5.83
N GLU C 232 -14.69 -2.78 -5.40
CA GLU C 232 -14.38 -2.87 -3.99
C GLU C 232 -14.54 -1.53 -3.28
N ILE C 233 -14.48 -0.42 -4.00
CA ILE C 233 -14.64 0.90 -3.42
C ILE C 233 -15.85 1.56 -4.07
N GLN C 234 -16.46 2.48 -3.33
CA GLN C 234 -17.68 3.16 -3.78
C GLN C 234 -17.55 4.65 -3.52
N GLN C 235 -17.85 5.45 -4.54
CA GLN C 235 -17.77 6.90 -4.41
C GLN C 235 -18.98 7.44 -3.69
N THR C 236 -18.75 8.20 -2.62
CA THR C 236 -19.80 8.85 -1.84
C THR C 236 -19.34 10.27 -1.53
N ALA C 237 -20.01 10.91 -0.58
CA ALA C 237 -19.67 12.27 -0.21
C ALA C 237 -18.36 12.31 0.56
N GLU C 238 -17.25 12.12 -0.15
CA GLU C 238 -15.92 12.10 0.47
C GLU C 238 -15.48 13.52 0.82
#